data_6FY1
#
_entry.id   6FY1
#
_cell.length_a   81.991
_cell.length_b   73.987
_cell.length_c   191.034
_cell.angle_alpha   90.00
_cell.angle_beta   91.98
_cell.angle_gamma   90.00
#
_symmetry.space_group_name_H-M   'C 1 2 1'
#
loop_
_entity.id
_entity.type
_entity.pdbx_description
1 polymer 'CAP228-16H Heavy Chain'
2 polymer 'CAP228 Autologous Scaffolded V1V2'
3 polymer 'CAP228-16H Light Chain'
#
loop_
_entity_poly.entity_id
_entity_poly.type
_entity_poly.pdbx_seq_one_letter_code
_entity_poly.pdbx_strand_id
1 'polypeptide(L)'
;EVQLVQSGAEVKKPGESLKISCKGSGYRFPSSWIGWVRQVPGKGLEWMGIIYPGDGETRYRASFQGQVTISADQSSNTAY
LQWSSLKASDTAMYYCARHGRGVREVINAFDIWGQGTMVTVSSASTKGPSVFPLAPSSKSTSGGTAALGCLVKDYFPEPV
TVSWNSGALTSGVHTFPAVLQSSGLYSLSSVVTVPSSSLGTQTYICNVNHKPSNTKVDKKVEPKSCDKGLEVLFQ
;
Y,H
2 'polypeptide(L)'
;MTTFKLAACVTLKCSTYNDSIEEEIQRCLFNTTTEIRDKKQKAYALFYKYDIVPLKGNNSEYILINCQTTTTEAVDAATA
AKVFKQYANDNGIDGEWTYDDATKTFTVTEGLEVLFQ
;
X,G
3 'polypeptide(L)'
;SYELTQPPSVSVAPGTTATITCGGVDIGSTLVHWYQQRPGQAPLLVIYDDSDRPSGIPERFSGSNSGNMATLTISRVEAG
DEADYYCQVWHSTSAVIFGGGTKLTVLSQPKAAPSVTLFPPSSEELQANKATLVCLISDFYPGAVTVAWKADSSPVKAGV
ETTTPSKQSNNKYAASSYLSLTPEQWKSHRSYSCQVTHEGSTVEKTVAPTECS
;
Z,L
#
# COMPACT_ATOMS: atom_id res chain seq x y z
N VAL A 2 -10.27 24.03 21.52
CA VAL A 2 -9.64 22.75 21.25
C VAL A 2 -8.67 22.35 22.36
N GLN A 3 -9.15 21.54 23.30
CA GLN A 3 -8.34 21.19 24.46
C GLN A 3 -8.70 19.78 24.92
N LEU A 4 -7.71 19.12 25.51
CA LEU A 4 -7.87 17.82 26.16
C LEU A 4 -7.40 17.93 27.60
N VAL A 5 -8.24 17.50 28.54
CA VAL A 5 -7.94 17.61 29.96
C VAL A 5 -8.13 16.24 30.61
N GLN A 6 -7.16 15.83 31.39
CA GLN A 6 -7.26 14.56 32.09
C GLN A 6 -7.75 14.77 33.51
N SER A 7 -8.32 13.70 34.08
CA SER A 7 -8.71 13.72 35.49
C SER A 7 -7.49 14.00 36.35
N GLY A 8 -7.69 14.13 37.66
CA GLY A 8 -6.59 14.40 38.56
C GLY A 8 -5.60 13.25 38.60
N ALA A 9 -4.46 13.55 39.23
CA ALA A 9 -3.44 12.54 39.48
C ALA A 9 -3.95 11.52 40.49
N GLU A 10 -3.21 10.43 40.65
CA GLU A 10 -3.72 9.39 41.53
C GLU A 10 -2.59 8.53 42.11
N VAL A 11 -2.80 8.11 43.35
CA VAL A 11 -1.89 7.25 44.10
C VAL A 11 -2.70 6.04 44.55
N LYS A 12 -2.25 4.84 44.17
CA LYS A 12 -2.97 3.62 44.51
C LYS A 12 -1.99 2.57 45.03
N LYS A 13 -2.54 1.48 45.56
CA LYS A 13 -1.82 0.39 46.20
C LYS A 13 -1.92 -0.87 45.35
N PRO A 14 -0.84 -1.63 45.19
CA PRO A 14 -0.85 -2.75 44.24
C PRO A 14 -2.06 -3.65 44.41
N GLY A 15 -2.70 -3.96 43.28
CA GLY A 15 -3.87 -4.81 43.23
C GLY A 15 -5.16 -4.07 43.01
N GLU A 16 -5.27 -2.84 43.51
CA GLU A 16 -6.52 -2.09 43.44
C GLU A 16 -6.68 -1.50 42.04
N SER A 17 -7.77 -1.85 41.37
CA SER A 17 -8.07 -1.35 40.03
C SER A 17 -8.09 0.16 39.95
N LEU A 18 -8.27 0.70 38.75
CA LEU A 18 -8.33 2.15 38.58
C LEU A 18 -8.91 2.49 37.23
N LYS A 19 -9.66 3.60 37.18
CA LYS A 19 -10.20 4.17 35.96
C LYS A 19 -9.88 5.67 35.95
N ILE A 20 -9.26 6.14 34.86
CA ILE A 20 -8.88 7.54 34.72
C ILE A 20 -9.46 8.05 33.41
N SER A 21 -9.73 9.37 33.36
CA SER A 21 -10.48 9.95 32.27
C SER A 21 -9.65 10.94 31.46
N CYS A 22 -10.15 11.21 30.25
CA CYS A 22 -9.53 12.16 29.32
C CYS A 22 -10.68 12.76 28.52
N LYS A 23 -10.96 14.04 28.69
CA LYS A 23 -12.11 14.67 28.07
C LYS A 23 -11.67 15.79 27.14
N GLY A 24 -12.21 15.77 25.93
CA GLY A 24 -11.81 16.72 24.90
C GLY A 24 -12.97 17.58 24.43
N SER A 25 -12.64 18.80 24.01
CA SER A 25 -13.65 19.73 23.52
C SER A 25 -13.01 20.62 22.46
N GLY A 26 -13.86 21.21 21.63
CA GLY A 26 -13.42 22.03 20.53
C GLY A 26 -13.41 21.35 19.18
N TYR A 27 -13.92 20.13 19.08
CA TYR A 27 -13.98 19.40 17.83
C TYR A 27 -15.07 18.33 17.95
N ARG A 28 -15.18 17.47 16.95
CA ARG A 28 -16.12 16.37 16.94
C ARG A 28 -15.43 15.14 17.53
N PHE A 29 -15.91 14.68 18.69
CA PHE A 29 -15.21 13.62 19.40
C PHE A 29 -15.09 12.35 18.58
N PRO A 30 -16.13 11.85 17.92
CA PRO A 30 -16.01 10.58 17.19
C PRO A 30 -15.04 10.63 16.01
N SER A 31 -14.79 11.81 15.45
CA SER A 31 -14.04 11.94 14.20
C SER A 31 -12.52 11.96 14.40
N SER A 32 -12.02 11.48 15.53
CA SER A 32 -10.58 11.53 15.77
C SER A 32 -10.16 10.41 16.73
N TRP A 33 -9.01 9.81 16.44
CA TRP A 33 -8.43 8.82 17.33
C TRP A 33 -7.98 9.46 18.63
N ILE A 34 -8.02 8.68 19.71
CA ILE A 34 -7.53 9.10 21.02
C ILE A 34 -6.53 8.05 21.49
N GLY A 35 -5.31 8.46 21.80
CA GLY A 35 -4.24 7.54 22.13
C GLY A 35 -3.68 7.80 23.52
N TRP A 36 -3.23 6.72 24.15
CA TRP A 36 -2.64 6.75 25.48
C TRP A 36 -1.18 6.35 25.41
N VAL A 37 -0.31 7.21 25.98
CA VAL A 37 1.13 7.02 26.02
C VAL A 37 1.62 7.14 27.45
N ARG A 38 2.68 6.40 27.77
CA ARG A 38 3.21 6.35 29.13
C ARG A 38 4.64 6.87 29.17
N GLN A 39 5.02 7.44 30.32
CA GLN A 39 6.37 7.97 30.48
C GLN A 39 6.76 7.90 31.95
N VAL A 40 7.68 7.01 32.28
CA VAL A 40 8.27 7.04 33.63
C VAL A 40 9.06 8.34 33.79
N PRO A 41 8.88 9.10 34.88
CA PRO A 41 9.62 10.37 35.01
C PRO A 41 11.11 10.15 34.80
N GLY A 42 11.68 10.86 33.83
CA GLY A 42 13.08 10.64 33.49
C GLY A 42 13.32 9.41 32.66
N LYS A 43 12.41 9.10 31.74
CA LYS A 43 12.59 7.98 30.84
C LYS A 43 11.88 8.31 29.53
N GLY A 44 11.99 7.41 28.56
CA GLY A 44 11.40 7.62 27.27
C GLY A 44 9.89 7.45 27.30
N LEU A 45 9.30 7.71 26.14
CA LEU A 45 7.86 7.53 25.95
C LEU A 45 7.55 6.15 25.40
N GLU A 46 6.48 5.55 25.93
CA GLU A 46 6.02 4.23 25.53
C GLU A 46 4.56 4.34 25.14
N TRP A 47 4.26 4.09 23.87
CA TRP A 47 2.88 4.10 23.41
C TRP A 47 2.16 2.85 23.88
N MET A 48 1.04 3.04 24.56
CA MET A 48 0.28 1.92 25.11
C MET A 48 -0.91 1.54 24.25
N GLY A 49 -1.70 2.52 23.81
CA GLY A 49 -2.87 2.15 23.05
C GLY A 49 -3.49 3.30 22.29
N ILE A 50 -4.51 2.97 21.51
CA ILE A 50 -5.26 3.97 20.76
C ILE A 50 -6.67 3.45 20.54
N ILE A 51 -7.61 4.38 20.37
CA ILE A 51 -9.03 4.03 20.29
C ILE A 51 -9.73 5.03 19.39
N TYR A 52 -10.52 4.51 18.45
CA TYR A 52 -11.43 5.32 17.66
C TYR A 52 -12.81 5.23 18.31
N PRO A 53 -13.34 6.31 18.87
CA PRO A 53 -14.63 6.20 19.59
C PRO A 53 -15.83 6.08 18.67
N GLY A 54 -15.73 6.57 17.43
CA GLY A 54 -16.85 6.49 16.51
C GLY A 54 -17.41 5.09 16.40
N ASP A 55 -16.54 4.11 16.09
CA ASP A 55 -16.94 2.71 16.06
C ASP A 55 -16.55 1.95 17.32
N GLY A 56 -15.77 2.56 18.20
CA GLY A 56 -15.30 1.89 19.39
C GLY A 56 -14.13 0.98 19.17
N GLU A 57 -13.35 1.20 18.12
CA GLU A 57 -12.28 0.29 17.75
C GLU A 57 -11.05 0.54 18.62
N THR A 58 -10.52 -0.53 19.20
CA THR A 58 -9.41 -0.45 20.14
C THR A 58 -8.21 -1.19 19.57
N ARG A 59 -7.05 -0.55 19.59
CA ARG A 59 -5.79 -1.20 19.20
C ARG A 59 -4.78 -1.01 20.32
N TYR A 60 -4.28 -2.12 20.85
CA TYR A 60 -3.31 -2.13 21.94
C TYR A 60 -1.93 -2.51 21.42
N ARG A 61 -0.92 -2.29 22.26
CA ARG A 61 0.41 -2.80 22.01
C ARG A 61 0.52 -4.21 22.58
N ALA A 62 1.37 -5.02 21.96
CA ALA A 62 1.50 -6.42 22.36
C ALA A 62 1.68 -6.53 23.87
N SER A 63 2.62 -5.77 24.44
CA SER A 63 3.01 -5.97 25.83
C SER A 63 1.90 -5.57 26.79
N PHE A 64 1.32 -4.39 26.59
CA PHE A 64 0.41 -3.79 27.57
C PHE A 64 -1.02 -4.30 27.47
N GLN A 65 -1.30 -5.28 26.62
CA GLN A 65 -2.68 -5.68 26.40
C GLN A 65 -3.30 -6.25 27.67
N GLY A 66 -2.77 -7.38 28.15
CA GLY A 66 -3.40 -8.07 29.26
C GLY A 66 -3.63 -7.20 30.47
N GLN A 67 -2.69 -6.31 30.77
CA GLN A 67 -2.73 -5.55 32.01
C GLN A 67 -3.83 -4.49 32.02
N VAL A 68 -4.32 -4.07 30.85
CA VAL A 68 -5.05 -2.81 30.72
C VAL A 68 -6.27 -2.96 29.83
N THR A 69 -7.22 -2.02 30.01
CA THR A 69 -8.42 -1.94 29.19
C THR A 69 -8.71 -0.47 28.90
N ILE A 70 -9.32 -0.21 27.74
CA ILE A 70 -9.62 1.14 27.30
C ILE A 70 -11.10 1.24 26.94
N SER A 71 -11.71 2.38 27.31
CA SER A 71 -13.13 2.62 27.11
C SER A 71 -13.31 3.99 26.47
N ALA A 72 -14.47 4.19 25.84
CA ALA A 72 -14.78 5.45 25.19
C ALA A 72 -16.26 5.75 25.33
N ASP A 73 -16.58 6.94 25.81
CA ASP A 73 -17.95 7.40 25.97
C ASP A 73 -18.18 8.53 24.97
N GLN A 74 -18.81 8.21 23.85
CA GLN A 74 -19.16 9.22 22.87
C GLN A 74 -20.20 10.19 23.40
N SER A 75 -21.00 9.77 24.39
CA SER A 75 -22.00 10.65 24.96
C SER A 75 -21.38 11.77 25.78
N SER A 76 -20.33 11.46 26.54
CA SER A 76 -19.62 12.44 27.34
C SER A 76 -18.36 12.94 26.66
N ASN A 77 -18.17 12.59 25.38
CA ASN A 77 -16.92 12.83 24.64
C ASN A 77 -15.70 12.64 25.54
N THR A 78 -15.63 11.45 26.13
CA THR A 78 -14.56 11.11 27.06
C THR A 78 -13.91 9.78 26.69
N ALA A 79 -12.66 9.62 27.10
CA ALA A 79 -11.94 8.36 26.99
C ALA A 79 -11.51 7.91 28.38
N TYR A 80 -11.41 6.60 28.58
CA TYR A 80 -11.13 6.02 29.87
C TYR A 80 -10.01 5.00 29.72
N LEU A 81 -9.08 5.01 30.67
CA LEU A 81 -8.02 4.00 30.76
C LEU A 81 -8.14 3.34 32.13
N GLN A 82 -8.09 2.00 32.15
CA GLN A 82 -8.32 1.31 33.42
C GLN A 82 -7.43 0.10 33.58
N TRP A 83 -6.98 -0.10 34.81
CA TRP A 83 -6.37 -1.34 35.25
C TRP A 83 -7.35 -2.10 36.13
N SER A 84 -7.20 -3.42 36.15
CA SER A 84 -7.85 -4.27 37.14
C SER A 84 -6.93 -4.50 38.33
N SER A 85 -5.70 -4.95 38.09
CA SER A 85 -4.70 -5.15 39.14
C SER A 85 -3.40 -4.49 38.70
N LEU A 86 -2.86 -3.64 39.56
CA LEU A 86 -1.71 -2.83 39.21
C LEU A 86 -0.42 -3.49 39.67
N LYS A 87 0.68 -3.10 39.03
CA LYS A 87 2.01 -3.55 39.39
C LYS A 87 2.89 -2.35 39.71
N ALA A 88 4.07 -2.63 40.26
CA ALA A 88 5.00 -1.55 40.58
C ALA A 88 5.48 -0.84 39.33
N SER A 89 5.58 -1.55 38.21
CA SER A 89 6.02 -0.96 36.96
C SER A 89 5.00 0.03 36.40
N ASP A 90 3.75 -0.07 36.82
CA ASP A 90 2.72 0.82 36.32
C ASP A 90 2.85 2.26 36.86
N THR A 91 3.99 2.62 37.46
CA THR A 91 4.15 3.94 38.08
C THR A 91 4.77 4.89 37.07
N ALA A 92 3.98 5.87 36.61
CA ALA A 92 4.47 6.78 35.58
C ALA A 92 3.47 7.86 35.23
N MET A 93 3.83 8.74 34.29
CA MET A 93 2.99 9.82 33.81
C MET A 93 2.29 9.36 32.54
N TYR A 94 0.97 9.39 32.55
CA TYR A 94 0.15 8.90 31.45
C TYR A 94 -0.47 10.08 30.72
N TYR A 95 -0.19 10.19 29.42
CA TYR A 95 -0.74 11.24 28.58
C TYR A 95 -1.75 10.64 27.61
N CYS A 96 -2.76 11.43 27.28
CA CYS A 96 -3.70 11.13 26.20
C CYS A 96 -3.56 12.22 25.14
N ALA A 97 -3.71 11.83 23.88
CA ALA A 97 -3.52 12.77 22.78
C ALA A 97 -4.47 12.40 21.65
N ARG A 98 -4.76 13.40 20.83
CA ARG A 98 -5.65 13.25 19.68
C ARG A 98 -4.82 12.91 18.44
N HIS A 99 -5.45 12.20 17.50
CA HIS A 99 -4.73 11.74 16.32
C HIS A 99 -5.66 11.71 15.12
N GLY A 100 -5.20 12.28 14.01
CA GLY A 100 -6.01 12.32 12.81
C GLY A 100 -6.33 10.94 12.27
N ARG A 101 -7.43 10.87 11.52
CA ARG A 101 -7.99 9.62 11.06
C ARG A 101 -7.64 9.31 9.61
N GLY A 102 -6.58 9.92 9.07
CA GLY A 102 -6.10 9.55 7.75
C GLY A 102 -6.66 10.36 6.61
N VAL A 103 -6.80 11.67 6.79
CA VAL A 103 -7.11 12.59 5.71
C VAL A 103 -6.22 13.81 5.87
N ARG A 104 -5.93 14.48 4.76
CA ARG A 104 -5.05 15.64 4.80
C ARG A 104 -5.73 16.87 5.38
N GLU A 105 -7.06 16.86 5.49
CA GLU A 105 -7.77 17.96 6.14
C GLU A 105 -7.40 18.04 7.62
N VAL A 106 -7.29 16.90 8.28
CA VAL A 106 -6.87 16.83 9.66
C VAL A 106 -5.40 16.45 9.70
N ILE A 107 -4.72 16.86 10.77
CA ILE A 107 -3.31 16.55 10.95
C ILE A 107 -3.20 15.11 11.46
N ASN A 108 -2.46 14.29 10.74
CA ASN A 108 -2.41 12.85 11.03
C ASN A 108 -1.24 12.50 11.95
N ALA A 109 -1.14 13.22 13.05
CA ALA A 109 -0.17 12.96 14.09
C ALA A 109 -0.83 13.26 15.43
N PHE A 110 -0.13 12.93 16.51
CA PHE A 110 -0.62 13.20 17.87
C PHE A 110 -0.51 14.70 18.09
N ASP A 111 -1.54 15.43 17.65
CA ASP A 111 -1.48 16.89 17.62
C ASP A 111 -1.84 17.50 18.98
N ILE A 112 -2.98 17.11 19.55
CA ILE A 112 -3.44 17.68 20.80
C ILE A 112 -3.05 16.77 21.94
N TRP A 113 -2.65 17.36 23.07
CA TRP A 113 -2.18 16.62 24.22
C TRP A 113 -2.93 17.03 25.47
N GLY A 114 -3.07 16.09 26.39
CA GLY A 114 -3.53 16.37 27.74
C GLY A 114 -2.34 16.48 28.67
N GLN A 115 -2.49 17.27 29.73
CA GLN A 115 -1.36 17.57 30.60
C GLN A 115 -0.74 16.32 31.21
N GLY A 116 -1.44 15.20 31.20
CA GLY A 116 -0.95 13.98 31.79
C GLY A 116 -1.36 13.82 33.25
N THR A 117 -1.55 12.58 33.65
CA THR A 117 -1.87 12.23 35.02
C THR A 117 -0.79 11.31 35.58
N MET A 118 -0.34 11.59 36.80
CA MET A 118 0.72 10.78 37.41
C MET A 118 0.08 9.66 38.24
N VAL A 119 0.42 8.42 37.89
CA VAL A 119 -0.01 7.24 38.62
C VAL A 119 1.14 6.78 39.49
N THR A 120 0.92 6.76 40.80
CA THR A 120 1.94 6.35 41.77
C THR A 120 1.47 5.06 42.43
N VAL A 121 2.20 3.98 42.15
CA VAL A 121 1.92 2.66 42.72
C VAL A 121 3.05 2.30 43.66
N SER A 122 2.72 2.08 44.93
CA SER A 122 3.71 1.72 45.93
C SER A 122 3.06 1.06 47.15
N THR A 126 4.90 4.10 55.35
CA THR A 126 5.72 4.92 56.24
C THR A 126 6.93 4.13 56.71
N LYS A 127 8.04 4.84 56.92
CA LYS A 127 9.29 4.21 57.30
C LYS A 127 10.21 5.27 57.89
N GLY A 128 11.07 4.84 58.79
CA GLY A 128 12.10 5.70 59.33
C GLY A 128 13.42 5.50 58.60
N PRO A 129 14.22 6.56 58.51
CA PRO A 129 15.50 6.45 57.78
C PRO A 129 16.66 5.98 58.64
N SER A 130 17.52 5.17 58.00
CA SER A 130 18.81 4.80 58.58
C SER A 130 19.86 5.78 58.06
N VAL A 131 20.60 6.38 58.98
CA VAL A 131 21.56 7.43 58.67
C VAL A 131 22.96 6.89 58.93
N PHE A 132 23.87 7.11 57.96
CA PHE A 132 25.22 6.58 58.08
C PHE A 132 26.29 7.52 57.55
N PRO A 133 27.42 7.63 58.25
CA PRO A 133 28.44 8.59 57.83
C PRO A 133 29.33 8.05 56.72
N LEU A 134 29.61 8.91 55.75
CA LEU A 134 30.63 8.66 54.75
C LEU A 134 31.86 9.48 55.14
N ALA A 135 32.90 8.80 55.60
CA ALA A 135 34.13 9.45 56.06
C ALA A 135 35.00 9.86 54.88
N LEU A 148 33.32 14.58 53.01
CA LEU A 148 32.55 13.60 53.78
C LEU A 148 31.06 13.93 53.68
N GLY A 149 30.23 13.13 54.35
CA GLY A 149 28.80 13.39 54.30
C GLY A 149 28.02 12.37 55.10
N CYS A 150 26.70 12.37 54.89
CA CYS A 150 25.84 11.38 55.54
C CYS A 150 24.73 10.92 54.60
N LEU A 151 24.43 9.62 54.67
CA LEU A 151 23.43 8.97 53.82
C LEU A 151 22.19 8.65 54.62
N VAL A 152 21.03 8.86 54.00
CA VAL A 152 19.72 8.62 54.61
C VAL A 152 18.98 7.65 53.71
N LYS A 153 18.73 6.44 54.22
CA LYS A 153 18.15 5.36 53.42
C LYS A 153 16.85 4.86 54.03
N ASP A 154 15.89 4.57 53.15
CA ASP A 154 14.59 3.99 53.49
C ASP A 154 13.70 4.96 54.27
N TYR A 155 13.24 6.02 53.61
CA TYR A 155 12.28 6.95 54.20
C TYR A 155 11.13 7.15 53.24
N PHE A 156 9.96 7.42 53.79
CA PHE A 156 8.76 7.70 53.00
C PHE A 156 7.70 8.31 53.91
N PRO A 157 6.91 9.30 53.44
CA PRO A 157 7.04 9.94 52.14
C PRO A 157 7.96 11.16 52.16
N GLU A 158 8.29 11.68 50.99
CA GLU A 158 9.07 12.90 50.91
C GLU A 158 8.29 14.06 51.53
N PRO A 159 8.97 15.13 51.96
CA PRO A 159 10.43 15.28 51.88
C PRO A 159 11.14 15.06 53.21
N VAL A 160 12.47 15.11 53.18
CA VAL A 160 13.28 15.17 54.39
C VAL A 160 14.20 16.38 54.28
N THR A 161 14.50 17.00 55.42
CA THR A 161 15.41 18.13 55.49
C THR A 161 16.66 17.72 56.24
N VAL A 162 17.80 17.73 55.55
CA VAL A 162 19.08 17.42 56.15
C VAL A 162 19.84 18.73 56.38
N SER A 163 20.21 18.98 57.62
CA SER A 163 21.06 20.10 57.98
C SER A 163 22.37 19.57 58.55
N TRP A 164 23.38 20.43 58.59
CA TRP A 164 24.68 20.09 59.15
C TRP A 164 24.98 21.05 60.30
N ASN A 165 25.12 20.50 61.50
CA ASN A 165 25.32 21.28 62.72
C ASN A 165 24.20 22.32 62.87
N SER A 166 22.99 21.77 63.06
CA SER A 166 21.79 22.59 63.28
C SER A 166 21.72 23.75 62.29
N GLY A 167 22.01 23.46 61.03
CA GLY A 167 22.01 24.48 60.01
C GLY A 167 23.19 25.42 60.06
N ALA A 168 24.17 25.16 60.92
CA ALA A 168 25.33 26.05 60.99
C ALA A 168 26.09 26.08 59.67
N LEU A 169 26.23 24.93 59.02
CA LEU A 169 27.08 24.83 57.84
C LEU A 169 26.28 25.15 56.59
N THR A 170 26.50 26.35 56.06
CA THR A 170 25.99 26.79 54.77
C THR A 170 27.13 27.00 53.79
N SER A 171 28.16 26.14 53.88
CA SER A 171 29.32 26.20 53.02
C SER A 171 29.68 24.79 52.59
N GLY A 172 29.75 24.56 51.28
CA GLY A 172 30.09 23.26 50.76
C GLY A 172 29.04 22.19 50.94
N VAL A 173 27.84 22.56 51.36
CA VAL A 173 26.79 21.59 51.65
C VAL A 173 25.90 21.42 50.42
N HIS A 174 25.87 20.21 49.88
CA HIS A 174 25.01 19.88 48.75
C HIS A 174 24.26 18.59 49.05
N THR A 175 22.93 18.68 49.10
CA THR A 175 22.09 17.51 49.28
C THR A 175 21.67 16.97 47.92
N PHE A 176 21.80 15.69 47.75
CA PHE A 176 21.53 15.13 46.44
C PHE A 176 20.08 14.67 46.33
N PRO A 177 19.52 14.75 45.11
CA PRO A 177 18.13 14.30 44.91
C PRO A 177 17.87 12.92 45.50
N ALA A 178 16.61 12.58 45.69
CA ALA A 178 16.20 11.31 46.28
C ALA A 178 15.87 10.32 45.18
N VAL A 179 16.41 9.10 45.30
CA VAL A 179 16.20 8.08 44.28
C VAL A 179 15.01 7.21 44.69
N LEU A 180 14.18 6.88 43.71
CA LEU A 180 13.08 5.93 43.89
C LEU A 180 13.60 4.54 43.58
N GLN A 181 13.72 3.71 44.61
CA GLN A 181 14.24 2.36 44.46
C GLN A 181 13.06 1.37 44.37
N SER A 182 13.38 0.07 44.37
CA SER A 182 12.37 -0.94 44.10
C SER A 182 11.27 -0.93 45.15
N SER A 183 11.61 -0.64 46.40
CA SER A 183 10.62 -0.64 47.47
C SER A 183 9.51 0.38 47.25
N GLY A 184 9.72 1.35 46.36
CA GLY A 184 8.83 2.47 46.24
C GLY A 184 9.08 3.58 47.23
N LEU A 185 10.17 3.50 47.99
CA LEU A 185 10.50 4.49 49.00
C LEU A 185 11.83 5.15 48.64
N TYR A 186 11.93 6.45 48.89
CA TYR A 186 13.05 7.24 48.43
C TYR A 186 14.23 7.16 49.41
N SER A 187 15.40 7.61 48.92
CA SER A 187 16.63 7.61 49.70
C SER A 187 17.57 8.65 49.11
N LEU A 188 18.36 9.30 49.96
CA LEU A 188 19.23 10.36 49.47
C LEU A 188 20.54 10.43 50.25
N SER A 189 21.41 11.35 49.83
CA SER A 189 22.70 11.55 50.46
C SER A 189 23.04 13.04 50.48
N SER A 190 23.47 13.54 51.63
CA SER A 190 23.96 14.89 51.79
C SER A 190 25.49 14.84 51.94
N VAL A 191 26.18 15.84 51.41
CA VAL A 191 27.63 15.84 51.35
C VAL A 191 28.18 17.24 51.60
N VAL A 192 29.42 17.29 52.09
CA VAL A 192 30.10 18.54 52.39
C VAL A 192 31.60 18.30 52.33
N THR A 193 32.35 19.37 52.03
CA THR A 193 33.80 19.30 51.92
C THR A 193 34.46 20.19 52.98
N VAL A 194 35.68 19.83 53.35
CA VAL A 194 36.41 20.57 54.38
C VAL A 194 37.83 20.83 53.90
N THR A 201 39.80 17.55 62.26
CA THR A 201 39.99 18.99 62.25
C THR A 201 38.89 19.69 63.05
N GLN A 202 37.64 19.38 62.72
CA GLN A 202 36.47 20.00 63.33
C GLN A 202 35.41 18.93 63.51
N THR A 203 34.43 19.21 64.36
CA THR A 203 33.33 18.30 64.64
C THR A 203 32.21 18.54 63.63
N TYR A 204 31.87 17.50 62.86
CA TYR A 204 30.86 17.60 61.81
C TYR A 204 29.77 16.57 62.04
N ILE A 205 28.51 17.03 61.99
CA ILE A 205 27.34 16.22 62.31
C ILE A 205 26.19 16.68 61.43
N CYS A 206 25.38 15.73 60.94
CA CYS A 206 24.20 16.06 60.14
C CYS A 206 22.95 15.64 60.91
N ASN A 207 22.06 16.60 61.15
CA ASN A 207 20.85 16.40 61.92
C ASN A 207 19.63 16.51 61.01
N VAL A 208 18.71 15.56 61.14
CA VAL A 208 17.53 15.49 60.29
C VAL A 208 16.26 15.52 61.14
N LYS A 216 14.45 13.21 63.49
CA LYS A 216 15.35 13.86 64.42
C LYS A 216 16.45 12.88 64.87
N VAL A 217 17.40 12.57 63.99
CA VAL A 217 18.49 11.66 64.32
C VAL A 217 19.73 12.08 63.55
N ASP A 218 20.85 12.19 64.27
CA ASP A 218 22.11 12.62 63.70
C ASP A 218 23.22 11.63 64.05
N LYS A 219 24.32 11.72 63.30
CA LYS A 219 25.45 10.82 63.43
C LYS A 219 26.74 11.61 63.28
N LYS A 220 27.85 10.98 63.67
CA LYS A 220 29.16 11.61 63.63
C LYS A 220 30.15 10.67 62.95
N VAL A 221 31.31 11.21 62.58
CA VAL A 221 32.37 10.45 61.92
C VAL A 221 32.56 9.09 62.60
N MET B 1 18.64 22.27 -35.15
CA MET B 1 17.91 21.72 -34.02
C MET B 1 16.66 22.56 -33.71
N THR B 2 15.57 21.88 -33.36
CA THR B 2 14.30 22.51 -33.06
C THR B 2 13.90 22.21 -31.61
N THR B 3 13.46 23.24 -30.90
CA THR B 3 13.30 23.16 -29.45
C THR B 3 11.92 22.63 -29.08
N PHE B 4 11.86 21.41 -28.59
CA PHE B 4 10.62 20.85 -28.07
C PHE B 4 10.51 21.11 -26.57
N LYS B 5 9.27 21.22 -26.10
CA LYS B 5 9.00 21.45 -24.68
C LYS B 5 8.01 20.41 -24.17
N LEU B 6 8.06 20.18 -22.86
CA LEU B 6 7.17 19.21 -22.22
C LEU B 6 6.64 19.76 -20.91
N ALA B 7 5.33 19.65 -20.72
CA ALA B 7 4.66 20.13 -19.51
C ALA B 7 4.23 18.93 -18.67
N ALA B 8 4.86 18.79 -17.49
CA ALA B 8 4.48 17.74 -16.55
C ALA B 8 3.51 18.35 -15.54
N CYS B 9 2.27 17.87 -15.55
CA CYS B 9 1.21 18.36 -14.68
C CYS B 9 0.81 17.29 -13.68
N VAL B 10 0.63 17.71 -12.43
CA VAL B 10 0.21 16.84 -11.35
C VAL B 10 -1.06 17.40 -10.74
N THR B 11 -2.04 16.54 -10.52
CA THR B 11 -3.33 16.92 -9.96
C THR B 11 -3.37 16.55 -8.48
N LEU B 12 -3.79 17.49 -7.64
CA LEU B 12 -3.80 17.30 -6.20
C LEU B 12 -5.13 17.77 -5.61
N LYS B 13 -5.35 17.35 -4.36
CA LYS B 13 -6.55 17.69 -3.58
C LYS B 13 -6.08 18.35 -2.27
N CYS B 14 -5.69 19.62 -2.35
CA CYS B 14 -5.22 20.39 -1.19
C CYS B 14 -6.42 20.92 -0.42
N CYS B 28 -1.97 27.65 -1.05
CA CYS B 28 -1.72 26.32 -0.53
C CYS B 28 -0.22 26.05 -0.37
N LEU B 29 0.09 24.92 0.26
CA LEU B 29 1.47 24.53 0.55
C LEU B 29 1.68 23.08 0.14
N PHE B 30 2.74 22.83 -0.61
CA PHE B 30 3.08 21.45 -0.95
C PHE B 30 4.50 21.39 -1.50
N ASN B 31 5.13 20.23 -1.37
CA ASN B 31 6.49 20.02 -1.81
C ASN B 31 6.75 18.51 -1.87
N THR B 32 7.55 18.09 -2.85
CA THR B 32 7.81 16.67 -3.11
C THR B 32 6.49 15.92 -3.30
N THR B 33 5.78 16.28 -4.38
CA THR B 33 4.46 15.74 -4.63
C THR B 33 4.51 14.30 -5.13
N THR B 34 5.56 13.94 -5.88
CA THR B 34 5.61 12.62 -6.51
C THR B 34 5.61 11.51 -5.46
N GLU B 35 6.61 11.51 -4.59
CA GLU B 35 6.85 10.42 -3.65
C GLU B 35 5.97 10.54 -2.41
N ILE B 36 5.75 11.75 -1.91
CA ILE B 36 5.02 11.88 -0.66
C ILE B 36 3.56 11.46 -0.82
N ARG B 37 3.00 11.49 -2.03
CA ARG B 37 1.66 10.95 -2.21
C ARG B 37 1.62 9.47 -1.85
N ASP B 38 2.55 8.69 -2.40
CA ASP B 38 2.67 7.28 -2.03
C ASP B 38 2.87 7.13 -0.53
N LYS B 39 3.82 7.87 0.04
CA LYS B 39 4.10 7.73 1.47
C LYS B 39 2.84 7.96 2.29
N LYS B 40 2.17 9.10 2.04
CA LYS B 40 0.99 9.46 2.82
C LYS B 40 -0.13 8.44 2.64
N GLN B 41 -0.29 7.90 1.43
CA GLN B 41 -1.33 6.89 1.20
C GLN B 41 -1.05 5.65 2.04
N LYS B 42 0.11 5.04 1.85
CA LYS B 42 0.47 3.86 2.64
C LYS B 42 0.30 4.13 4.13
N ALA B 43 0.77 5.29 4.60
CA ALA B 43 0.71 5.61 6.02
C ALA B 43 -0.75 5.71 6.48
N TYR B 44 -1.47 6.70 5.95
CA TYR B 44 -2.84 6.93 6.37
C TYR B 44 -3.66 5.65 6.35
N ALA B 45 -3.36 4.72 5.43
CA ALA B 45 -4.13 3.48 5.38
C ALA B 45 -4.26 2.83 6.76
N LEU B 46 -3.18 2.81 7.54
CA LEU B 46 -3.12 1.96 8.71
C LEU B 46 -4.05 2.41 9.82
N PHE B 47 -4.43 3.68 9.84
CA PHE B 47 -5.33 4.20 10.87
C PHE B 47 -6.40 5.07 10.24
N TYR B 48 -7.04 4.54 9.20
CA TYR B 48 -8.02 5.30 8.43
C TYR B 48 -9.43 4.88 8.82
N LYS B 49 -10.23 5.83 9.31
CA LYS B 49 -11.63 5.60 9.62
C LYS B 49 -12.47 6.64 8.88
N TYR B 50 -13.27 6.17 7.92
CA TYR B 50 -14.14 7.04 7.13
C TYR B 50 -15.30 7.55 7.96
N ASP B 51 -15.83 8.70 7.56
CA ASP B 51 -16.99 9.28 8.21
C ASP B 51 -17.52 10.40 7.35
N ILE B 52 -18.82 10.65 7.45
CA ILE B 52 -19.47 11.71 6.70
C ILE B 52 -19.76 12.86 7.65
N VAL B 53 -19.06 13.98 7.46
CA VAL B 53 -19.24 15.15 8.32
C VAL B 53 -18.89 16.41 7.55
N PRO B 54 -19.88 17.21 7.12
CA PRO B 54 -19.62 18.52 6.50
C PRO B 54 -18.79 19.45 7.38
N SER B 60 -17.17 23.94 -1.82
CA SER B 60 -15.95 24.58 -1.31
C SER B 60 -14.69 23.81 -1.71
N GLU B 61 -14.80 22.49 -1.82
CA GLU B 61 -13.63 21.69 -2.14
C GLU B 61 -13.19 21.98 -3.58
N TYR B 62 -11.94 21.61 -3.87
CA TYR B 62 -11.29 22.02 -5.10
C TYR B 62 -10.23 21.00 -5.47
N ILE B 63 -9.84 21.02 -6.74
CA ILE B 63 -8.73 20.24 -7.26
C ILE B 63 -7.75 21.21 -7.89
N LEU B 64 -6.47 21.07 -7.56
CA LEU B 64 -5.46 21.96 -8.12
C LEU B 64 -4.49 21.20 -9.00
N ILE B 65 -3.76 21.94 -9.81
CA ILE B 65 -2.84 21.35 -10.79
C ILE B 65 -1.55 22.15 -10.81
N ASN B 66 -0.43 21.48 -10.62
CA ASN B 66 0.89 22.09 -10.71
C ASN B 66 1.57 21.55 -11.96
N CYS B 67 1.96 22.46 -12.86
CA CYS B 67 2.61 22.08 -14.11
C CYS B 67 3.98 22.74 -14.20
N GLN B 68 5.01 21.93 -14.44
CA GLN B 68 6.34 22.44 -14.75
C GLN B 68 6.65 22.18 -16.22
N THR B 69 7.72 22.81 -16.70
CA THR B 69 8.06 22.81 -18.12
C THR B 69 9.54 22.53 -18.31
N THR B 70 9.85 21.52 -19.13
CA THR B 70 11.22 21.21 -19.50
C THR B 70 11.41 21.40 -21.00
N THR B 71 12.65 21.58 -21.41
CA THR B 71 12.98 21.81 -22.81
C THR B 71 14.08 20.85 -23.24
N THR B 72 13.92 20.29 -24.44
CA THR B 72 14.98 19.58 -25.12
C THR B 72 15.05 20.07 -26.55
N GLU B 73 16.01 19.58 -27.32
CA GLU B 73 16.10 19.93 -28.73
C GLU B 73 16.27 18.67 -29.57
N ALA B 74 15.58 18.65 -30.69
CA ALA B 74 15.69 17.58 -31.67
C ALA B 74 15.09 18.08 -32.97
N VAL B 75 15.25 17.29 -34.03
CA VAL B 75 14.58 17.56 -35.29
C VAL B 75 13.31 16.73 -35.45
N ASP B 76 13.34 15.49 -35.01
CA ASP B 76 12.18 14.60 -35.05
C ASP B 76 11.61 14.42 -33.65
N ALA B 77 10.28 14.35 -33.56
CA ALA B 77 9.62 14.20 -32.26
C ALA B 77 9.77 12.80 -31.68
N ALA B 78 10.26 11.83 -32.45
CA ALA B 78 10.44 10.48 -31.92
C ALA B 78 11.57 10.43 -30.89
N THR B 79 12.69 11.09 -31.18
CA THR B 79 13.79 11.13 -30.22
C THR B 79 13.42 11.96 -29.00
N ALA B 80 12.62 13.00 -29.19
CA ALA B 80 12.14 13.79 -28.05
C ALA B 80 11.20 12.96 -27.18
N ALA B 81 10.29 12.20 -27.81
CA ALA B 81 9.41 11.32 -27.06
C ALA B 81 10.21 10.29 -26.28
N LYS B 82 11.27 9.74 -26.89
CA LYS B 82 12.12 8.80 -26.17
C LYS B 82 12.77 9.46 -24.96
N VAL B 83 13.30 10.68 -25.15
CA VAL B 83 13.96 11.38 -24.05
C VAL B 83 13.00 11.62 -22.90
N PHE B 84 11.77 12.03 -23.20
CA PHE B 84 10.80 12.33 -22.15
C PHE B 84 10.25 11.06 -21.52
N LYS B 85 10.15 9.96 -22.29
CA LYS B 85 9.81 8.68 -21.68
C LYS B 85 10.87 8.28 -20.66
N GLN B 86 12.15 8.42 -21.01
CA GLN B 86 13.20 8.07 -20.05
C GLN B 86 13.16 8.99 -18.83
N TYR B 87 12.99 10.30 -19.06
CA TYR B 87 12.81 11.25 -17.98
C TYR B 87 11.75 10.79 -17.00
N ALA B 88 10.54 10.55 -17.51
CA ALA B 88 9.42 10.15 -16.64
C ALA B 88 9.66 8.78 -16.03
N ASN B 89 10.28 7.86 -16.78
CA ASN B 89 10.43 6.48 -16.35
C ASN B 89 11.46 6.35 -15.22
N ASP B 90 12.47 7.21 -15.22
CA ASP B 90 13.46 7.21 -14.14
C ASP B 90 13.03 8.07 -12.97
N ASN B 91 12.18 9.06 -13.21
CA ASN B 91 11.74 10.02 -12.17
C ASN B 91 10.34 9.75 -11.66
N GLY B 92 9.82 8.56 -11.89
CA GLY B 92 8.52 8.15 -11.36
C GLY B 92 7.39 9.04 -11.75
N ILE B 93 7.03 9.07 -13.03
CA ILE B 93 5.79 9.72 -13.53
C ILE B 93 4.91 8.66 -14.18
N ASP B 94 3.68 8.46 -13.68
CA ASP B 94 2.70 7.50 -14.18
C ASP B 94 1.45 8.26 -14.60
N GLY B 95 1.56 9.00 -15.71
CA GLY B 95 0.49 9.84 -16.19
C GLY B 95 0.22 9.62 -17.67
N GLU B 96 -0.86 10.24 -18.14
CA GLU B 96 -1.25 10.12 -19.54
C GLU B 96 -0.60 11.23 -20.35
N TRP B 97 -0.22 10.89 -21.58
CA TRP B 97 0.63 11.70 -22.43
C TRP B 97 -0.18 12.30 -23.57
N THR B 98 0.24 13.50 -24.00
CA THR B 98 -0.42 14.19 -25.09
C THR B 98 0.61 14.98 -25.90
N TYR B 99 0.34 15.16 -27.19
CA TYR B 99 1.25 15.88 -28.08
C TYR B 99 0.47 16.93 -28.87
N ASP B 100 0.72 18.21 -28.58
CA ASP B 100 0.22 19.31 -29.38
C ASP B 100 1.40 19.87 -30.16
N ASP B 101 1.53 19.46 -31.42
CA ASP B 101 2.68 19.82 -32.24
C ASP B 101 2.65 21.28 -32.67
N ALA B 102 1.47 21.93 -32.64
CA ALA B 102 1.39 23.32 -33.05
C ALA B 102 2.25 24.22 -32.17
N THR B 103 2.34 23.90 -30.88
CA THR B 103 3.16 24.66 -29.94
C THR B 103 4.46 23.94 -29.59
N LYS B 104 4.79 22.86 -30.31
CA LYS B 104 5.99 22.07 -30.03
C LYS B 104 5.91 21.49 -28.61
N THR B 105 4.72 21.09 -28.19
CA THR B 105 4.49 20.74 -26.79
C THR B 105 4.13 19.28 -26.63
N PHE B 106 4.76 18.63 -25.66
CA PHE B 106 4.29 17.39 -25.05
C PHE B 106 3.69 17.72 -23.69
N THR B 107 2.93 16.78 -23.14
CA THR B 107 2.30 16.98 -21.85
C THR B 107 2.11 15.62 -21.18
N VAL B 108 2.28 15.62 -19.86
CA VAL B 108 2.19 14.40 -19.06
C VAL B 108 1.41 14.70 -17.78
N THR B 109 0.15 14.29 -17.73
CA THR B 109 -0.69 14.61 -16.58
C THR B 109 -0.84 13.35 -15.71
N GLU B 110 -0.46 13.47 -14.44
CA GLU B 110 -0.57 12.36 -13.49
C GLU B 110 -1.81 12.60 -12.64
N GLY B 111 -2.96 12.33 -13.25
CA GLY B 111 -4.24 12.61 -12.62
C GLY B 111 -4.51 11.80 -11.37
N LEU B 112 -5.69 12.03 -10.81
CA LEU B 112 -6.14 11.32 -9.61
C LEU B 112 -6.62 9.94 -10.02
N GLU B 113 -5.75 8.94 -9.88
CA GLU B 113 -6.10 7.60 -10.33
C GLU B 113 -7.28 7.03 -9.55
N VAL B 114 -7.58 7.56 -8.36
CA VAL B 114 -8.70 7.10 -7.54
C VAL B 114 -9.33 8.31 -6.87
N LEU B 115 -10.59 8.15 -6.48
CA LEU B 115 -11.35 9.21 -5.84
C LEU B 115 -12.01 8.69 -4.57
N PHE B 116 -12.42 9.63 -3.72
CA PHE B 116 -12.92 9.32 -2.37
C PHE B 116 -11.80 8.70 -1.54
N TYR C 2 9.65 -1.83 14.49
CA TYR C 2 11.09 -1.89 14.75
C TYR C 2 11.56 -0.77 15.67
N GLU C 3 12.68 -0.99 16.35
CA GLU C 3 13.19 -0.01 17.30
C GLU C 3 13.74 1.21 16.59
N LEU C 4 13.58 2.37 17.23
CA LEU C 4 14.11 3.64 16.73
C LEU C 4 15.36 4.03 17.52
N THR C 5 16.32 4.65 16.82
CA THR C 5 17.65 4.91 17.37
C THR C 5 17.90 6.41 17.42
N GLN C 6 17.93 6.97 18.63
CA GLN C 6 18.18 8.39 18.80
C GLN C 6 19.45 8.62 19.62
N PRO C 7 20.16 9.72 19.36
CA PRO C 7 21.32 10.08 20.19
C PRO C 7 20.86 10.62 21.54
N PRO C 8 21.23 9.97 22.64
CA PRO C 8 20.66 10.38 23.93
C PRO C 8 21.05 11.79 24.36
N SER C 9 22.11 12.36 23.80
CA SER C 9 22.57 13.68 24.20
C SER C 9 22.94 14.50 22.96
N VAL C 10 22.51 15.76 22.96
CA VAL C 10 22.87 16.70 21.91
C VAL C 10 23.11 18.06 22.55
N SER C 11 24.16 18.75 22.10
CA SER C 11 24.52 20.05 22.64
C SER C 11 25.01 20.94 21.51
N VAL C 12 24.40 22.13 21.41
CA VAL C 12 24.75 23.10 20.37
C VAL C 12 24.68 24.50 20.98
N ALA C 13 25.35 25.44 20.32
CA ALA C 13 25.38 26.81 20.77
C ALA C 13 24.11 27.55 20.34
N PRO C 14 23.82 28.68 20.98
CA PRO C 14 22.67 29.48 20.53
C PRO C 14 22.99 30.23 19.25
N GLY C 15 21.95 30.44 18.44
CA GLY C 15 22.13 31.09 17.15
C GLY C 15 22.82 30.25 16.11
N THR C 16 22.81 28.93 16.27
CA THR C 16 23.48 27.99 15.38
C THR C 16 22.47 26.98 14.86
N THR C 17 22.92 26.11 13.97
CA THR C 17 22.08 25.06 13.42
C THR C 17 22.31 23.76 14.18
N ALA C 18 21.24 22.98 14.36
CA ALA C 18 21.28 21.72 15.07
C ALA C 18 20.47 20.71 14.27
N THR C 19 20.87 19.44 14.36
CA THR C 19 20.16 18.37 13.68
C THR C 19 20.03 17.19 14.63
N ILE C 20 18.78 16.80 14.89
CA ILE C 20 18.48 15.58 15.64
C ILE C 20 18.30 14.45 14.64
N THR C 21 18.92 13.30 14.92
CA THR C 21 18.93 12.16 14.01
C THR C 21 18.01 11.07 14.54
N CYS C 22 17.37 10.35 13.60
CA CYS C 22 16.37 9.32 13.92
C CYS C 22 16.61 8.16 12.97
N GLY C 23 17.19 7.07 13.49
CA GLY C 23 17.61 5.96 12.66
C GLY C 23 16.58 4.83 12.67
N GLY C 24 16.29 4.32 11.47
CA GLY C 24 15.26 3.31 11.34
C GLY C 24 15.48 2.43 10.13
N VAL C 25 14.95 1.21 10.21
CA VAL C 25 14.95 0.27 9.10
C VAL C 25 13.95 0.74 8.06
N ASP C 26 14.42 1.41 7.01
CA ASP C 26 13.55 1.85 5.92
C ASP C 26 12.59 2.94 6.39
N ILE C 27 13.08 3.85 7.23
CA ILE C 27 12.25 4.92 7.76
C ILE C 27 11.97 5.97 6.70
N GLY C 28 12.86 6.10 5.71
CA GLY C 28 12.66 7.09 4.66
C GLY C 28 11.41 6.84 3.84
N SER C 29 10.86 5.64 3.88
CA SER C 29 9.65 5.31 3.15
C SER C 29 8.38 5.47 3.97
N THR C 30 8.49 5.92 5.21
CA THR C 30 7.34 6.13 6.08
C THR C 30 7.37 7.55 6.63
N LEU C 31 6.22 8.00 7.10
CA LEU C 31 6.09 9.34 7.66
C LEU C 31 6.69 9.39 9.07
N VAL C 32 7.42 10.47 9.34
CA VAL C 32 8.13 10.68 10.60
C VAL C 32 7.63 11.97 11.21
N HIS C 33 7.16 11.89 12.45
CA HIS C 33 6.70 13.06 13.20
C HIS C 33 7.69 13.39 14.31
N TRP C 34 7.75 14.68 14.65
CA TRP C 34 8.65 15.18 15.66
C TRP C 34 7.86 15.95 16.69
N TYR C 35 8.09 15.62 17.96
CA TYR C 35 7.46 16.26 19.10
C TYR C 35 8.51 16.82 20.04
N GLN C 36 8.15 17.94 20.67
CA GLN C 36 8.97 18.61 21.67
C GLN C 36 8.34 18.43 23.04
N GLN C 37 9.17 18.15 24.05
CA GLN C 37 8.68 18.02 25.42
C GLN C 37 9.60 18.80 26.36
N ARG C 38 9.07 19.81 26.98
CA ARG C 38 9.77 20.45 28.07
C ARG C 38 9.57 19.63 29.34
N PRO C 39 10.60 19.53 30.18
CA PRO C 39 10.50 18.66 31.37
C PRO C 39 9.24 18.95 32.16
N GLY C 40 8.58 17.90 32.61
CA GLY C 40 7.34 18.04 33.37
C GLY C 40 6.16 18.44 32.53
N GLN C 41 6.30 19.50 31.73
CA GLN C 41 5.26 19.91 30.81
C GLN C 41 4.91 18.76 29.87
N ALA C 42 3.74 18.87 29.25
CA ALA C 42 3.28 17.88 28.29
C ALA C 42 3.99 18.07 26.95
N PRO C 43 3.91 17.09 26.07
CA PRO C 43 4.56 17.21 24.76
C PRO C 43 3.77 18.08 23.80
N LEU C 44 4.49 18.65 22.85
CA LEU C 44 3.92 19.51 21.82
C LEU C 44 4.48 19.08 20.47
N LEU C 45 3.60 18.94 19.49
CA LEU C 45 4.04 18.53 18.15
C LEU C 45 4.74 19.68 17.45
N VAL C 46 5.88 19.39 16.84
CA VAL C 46 6.68 20.40 16.17
C VAL C 46 6.72 20.19 14.66
N ILE C 47 6.69 18.96 14.19
CA ILE C 47 6.67 18.73 12.74
C ILE C 47 5.92 17.45 12.43
N TYR C 48 4.94 17.54 11.52
CA TYR C 48 4.21 16.38 11.05
C TYR C 48 4.52 16.12 9.58
N ASP C 49 4.26 14.89 9.15
CA ASP C 49 4.49 14.46 7.76
C ASP C 49 5.92 14.76 7.32
N ASP C 50 6.88 14.29 8.12
CA ASP C 50 8.29 14.48 7.86
C ASP C 50 8.73 15.94 7.94
N SER C 51 8.13 16.80 7.11
CA SER C 51 8.57 18.19 6.95
C SER C 51 7.52 19.23 7.26
N ASP C 52 6.23 18.96 7.01
CA ASP C 52 5.19 19.97 7.21
C ASP C 52 5.18 20.47 8.66
N ARG C 53 4.78 21.74 8.83
CA ARG C 53 4.78 22.39 10.14
C ARG C 53 3.39 22.87 10.54
N PRO C 54 3.03 22.76 11.82
CA PRO C 54 1.70 23.21 12.27
C PRO C 54 1.73 24.65 12.76
N SER C 55 0.53 25.17 13.01
CA SER C 55 0.38 26.55 13.41
C SER C 55 0.96 26.78 14.80
N GLY C 56 1.68 27.90 14.95
CA GLY C 56 2.33 28.25 16.19
C GLY C 56 3.82 27.98 16.20
N ILE C 57 4.31 27.19 15.26
CA ILE C 57 5.71 26.77 15.21
C ILE C 57 6.45 27.66 14.23
N PRO C 58 7.59 28.26 14.61
CA PRO C 58 8.27 29.21 13.72
C PRO C 58 8.97 28.56 12.54
N GLU C 59 9.63 29.38 11.72
CA GLU C 59 10.32 28.87 10.53
C GLU C 59 11.51 28.00 10.86
N ARG C 60 12.05 28.10 12.08
CA ARG C 60 13.33 27.48 12.38
C ARG C 60 13.29 25.96 12.29
N PHE C 61 12.11 25.37 12.32
CA PHE C 61 11.99 23.91 12.39
C PHE C 61 11.91 23.34 10.98
N SER C 62 12.70 22.30 10.71
CA SER C 62 12.71 21.66 9.41
C SER C 62 12.78 20.16 9.59
N GLY C 63 12.13 19.43 8.69
CA GLY C 63 12.12 17.98 8.73
C GLY C 63 12.58 17.38 7.41
N SER C 64 13.32 16.28 7.51
CA SER C 64 13.82 15.55 6.35
C SER C 64 13.69 14.06 6.64
N ASN C 65 13.49 13.28 5.58
CA ASN C 65 13.39 11.82 5.74
C ASN C 65 14.01 11.19 4.49
N SER C 66 15.12 10.48 4.66
CA SER C 66 15.85 9.91 3.54
C SER C 66 16.29 8.51 3.91
N GLY C 67 15.79 7.52 3.18
CA GLY C 67 16.25 6.15 3.30
C GLY C 67 16.13 5.58 4.69
N ASN C 68 17.26 5.38 5.36
CA ASN C 68 17.29 4.81 6.69
C ASN C 68 17.71 5.84 7.75
N MET C 69 17.43 7.11 7.48
CA MET C 69 17.77 8.17 8.43
C MET C 69 16.82 9.35 8.23
N ALA C 70 16.19 9.79 9.32
CA ALA C 70 15.39 10.99 9.34
C ALA C 70 16.08 12.05 10.18
N THR C 71 15.77 13.31 9.88
CA THR C 71 16.51 14.43 10.43
C THR C 71 15.59 15.58 10.78
N LEU C 72 15.84 16.20 11.92
CA LEU C 72 15.11 17.39 12.36
C LEU C 72 16.12 18.52 12.54
N THR C 73 16.05 19.52 11.69
CA THR C 73 16.98 20.64 11.73
C THR C 73 16.34 21.87 12.35
N ILE C 74 17.17 22.65 13.04
CA ILE C 74 16.73 23.91 13.65
C ILE C 74 17.85 24.93 13.50
N SER C 75 17.58 26.04 12.84
CA SER C 75 18.52 27.13 12.71
C SER C 75 18.08 28.29 13.60
N ARG C 76 19.01 29.21 13.83
CA ARG C 76 18.78 30.37 14.69
C ARG C 76 18.20 29.92 16.03
N VAL C 77 18.93 29.03 16.69
CA VAL C 77 18.44 28.39 17.91
C VAL C 77 18.30 29.42 19.02
N GLU C 78 17.28 29.24 19.86
CA GLU C 78 17.06 30.06 21.04
C GLU C 78 17.13 29.19 22.29
N ALA C 79 17.44 29.84 23.43
CA ALA C 79 17.51 29.14 24.69
C ALA C 79 16.18 28.58 25.14
N GLY C 80 15.09 28.98 24.50
CA GLY C 80 13.78 28.42 24.77
C GLY C 80 13.49 27.11 24.08
N ASP C 81 14.50 26.52 23.43
CA ASP C 81 14.34 25.26 22.72
C ASP C 81 14.90 24.06 23.47
N GLU C 82 15.75 24.27 24.47
CA GLU C 82 16.25 23.18 25.29
C GLU C 82 15.11 22.30 25.76
N ALA C 83 15.15 21.03 25.37
CA ALA C 83 14.01 20.14 25.64
C ALA C 83 14.34 18.72 25.18
N ASP C 84 13.46 17.78 25.56
CA ASP C 84 13.56 16.41 25.09
C ASP C 84 12.78 16.30 23.79
N TYR C 85 13.44 15.89 22.72
CA TYR C 85 12.79 15.76 21.43
C TYR C 85 12.60 14.29 21.10
N TYR C 86 11.45 13.98 20.51
CA TYR C 86 11.11 12.61 20.15
C TYR C 86 10.66 12.55 18.71
N CYS C 87 11.09 11.52 17.99
CA CYS C 87 10.54 11.18 16.69
C CYS C 87 9.59 9.99 16.86
N GLN C 88 8.58 9.92 16.00
CA GLN C 88 7.53 8.93 16.09
C GLN C 88 7.13 8.52 14.69
N VAL C 89 6.83 7.24 14.52
CA VAL C 89 6.36 6.64 13.25
C VAL C 89 5.23 5.69 13.55
N TRP C 90 4.37 5.42 12.59
CA TRP C 90 3.32 4.40 12.76
C TRP C 90 3.76 3.22 11.92
N HIS C 91 4.23 2.14 12.52
CA HIS C 91 4.69 0.94 11.80
C HIS C 91 3.48 0.18 11.36
N SER C 92 3.59 -0.56 10.28
CA SER C 92 2.43 -1.26 9.72
C SER C 92 1.90 -2.25 10.75
N THR C 93 2.77 -3.03 11.34
CA THR C 93 2.31 -4.08 12.26
C THR C 93 2.41 -3.68 13.72
N SER C 94 3.47 -2.94 14.07
CA SER C 94 3.92 -2.59 15.44
C SER C 94 3.25 -1.32 16.02
N ALA C 95 2.18 -0.83 15.38
CA ALA C 95 1.39 0.36 15.81
C ALA C 95 2.27 1.62 15.87
N VAL C 96 2.33 2.32 17.01
CA VAL C 96 3.05 3.62 17.11
C VAL C 96 4.34 3.37 17.85
N ILE C 97 5.48 3.86 17.39
CA ILE C 97 6.78 3.65 18.04
C ILE C 97 7.43 5.01 18.22
N PHE C 98 7.85 5.38 19.42
CA PHE C 98 8.55 6.62 19.69
C PHE C 98 10.05 6.38 19.72
N GLY C 99 10.82 7.39 19.35
CA GLY C 99 12.25 7.33 19.51
C GLY C 99 12.65 7.23 20.98
N GLY C 100 13.90 6.85 21.20
CA GLY C 100 14.41 6.80 22.56
C GLY C 100 14.41 8.13 23.26
N GLY C 101 14.38 9.22 22.51
CA GLY C 101 14.44 10.55 23.06
C GLY C 101 15.83 11.14 22.91
N THR C 102 15.89 12.47 22.78
CA THR C 102 17.17 13.16 22.69
C THR C 102 17.08 14.49 23.41
N LYS C 103 17.90 14.67 24.44
CA LYS C 103 17.90 15.93 25.18
C LYS C 103 18.77 16.95 24.45
N LEU C 104 18.20 18.12 24.21
CA LEU C 104 18.92 19.24 23.60
C LEU C 104 19.08 20.33 24.65
N THR C 105 20.32 20.78 24.84
CA THR C 105 20.64 21.87 25.76
C THR C 105 21.23 23.01 24.96
N VAL C 106 20.77 24.23 25.25
CA VAL C 106 21.34 25.45 24.70
C VAL C 106 22.29 26.03 25.73
N LEU C 107 23.56 26.14 25.38
CA LEU C 107 24.58 26.54 26.34
C LEU C 107 24.47 28.00 26.73
N GLN C 109 26.15 28.25 29.52
CA GLN C 109 27.45 28.17 30.19
C GLN C 109 28.28 27.02 29.61
N PRO C 110 29.59 27.10 29.74
CA PRO C 110 30.46 26.10 29.09
C PRO C 110 30.25 24.69 29.65
N LYS C 111 30.65 23.71 28.86
CA LYS C 111 30.69 22.33 29.33
C LYS C 111 31.71 22.21 30.45
N ALA C 112 31.52 21.18 31.28
CA ALA C 112 32.38 20.98 32.44
C ALA C 112 32.29 19.54 32.89
N ALA C 113 33.42 18.98 33.29
CA ALA C 113 33.43 17.68 33.93
C ALA C 113 33.00 17.82 35.39
N PRO C 114 32.41 16.79 35.96
CA PRO C 114 31.82 16.91 37.31
C PRO C 114 32.84 16.70 38.43
N SER C 115 32.38 17.01 39.64
CA SER C 115 33.03 16.58 40.87
C SER C 115 32.47 15.21 41.25
N VAL C 116 33.36 14.25 41.47
CA VAL C 116 32.98 12.85 41.65
C VAL C 116 33.07 12.48 43.13
N THR C 117 32.42 11.37 43.49
CA THR C 117 32.57 10.84 44.84
C THR C 117 32.04 9.42 44.88
N LEU C 118 32.70 8.55 45.64
CA LEU C 118 32.32 7.14 45.76
C LEU C 118 32.71 6.66 47.14
N PHE C 119 31.75 6.14 47.90
CA PHE C 119 32.02 5.75 49.28
C PHE C 119 31.27 4.47 49.68
N PRO C 120 31.88 3.68 50.57
CA PRO C 120 31.28 2.38 50.95
C PRO C 120 30.34 2.50 52.12
N PRO C 121 29.55 1.46 52.40
CA PRO C 121 28.62 1.53 53.54
C PRO C 121 29.38 1.62 54.86
N SER C 122 28.80 2.38 55.79
CA SER C 122 29.34 2.45 57.14
C SER C 122 29.15 1.11 57.84
N SER C 123 29.94 0.90 58.90
CA SER C 123 29.83 -0.34 59.66
C SER C 123 28.53 -0.41 60.44
N GLU C 124 28.01 0.74 60.88
CA GLU C 124 26.69 0.77 61.49
C GLU C 124 25.62 0.29 60.53
N GLU C 125 25.84 0.44 59.22
CA GLU C 125 24.88 -0.08 58.24
C GLU C 125 24.91 -1.60 58.24
N LEU C 126 26.10 -2.19 58.15
CA LEU C 126 26.20 -3.64 58.19
C LEU C 126 25.59 -4.21 59.47
N GLN C 127 25.78 -3.52 60.60
CA GLN C 127 25.17 -3.99 61.84
C GLN C 127 23.65 -4.08 61.70
N ALA C 128 23.04 -3.11 61.03
CA ALA C 128 21.60 -3.07 60.83
C ALA C 128 21.12 -4.01 59.74
N ASN C 129 21.96 -4.94 59.30
CA ASN C 129 21.63 -5.96 58.31
C ASN C 129 21.45 -5.38 56.91
N LYS C 130 21.77 -4.10 56.71
CA LYS C 130 21.71 -3.46 55.42
C LYS C 130 23.12 -3.03 55.01
N ALA C 131 23.31 -2.82 53.71
CA ALA C 131 24.61 -2.38 53.20
C ALA C 131 24.41 -1.82 51.79
N THR C 132 24.98 -0.65 51.52
CA THR C 132 24.79 0.01 50.25
C THR C 132 26.02 0.85 49.92
N LEU C 133 26.34 0.92 48.63
CA LEU C 133 27.48 1.65 48.11
C LEU C 133 26.99 2.89 47.38
N VAL C 134 27.55 4.05 47.72
CA VAL C 134 27.05 5.33 47.23
C VAL C 134 28.01 5.86 46.16
N CYS C 135 27.45 6.33 45.03
CA CYS C 135 28.23 6.90 43.93
C CYS C 135 27.56 8.21 43.54
N LEU C 136 28.16 9.33 43.97
CA LEU C 136 27.58 10.66 43.81
C LEU C 136 28.37 11.49 42.82
N ILE C 137 27.68 12.42 42.15
CA ILE C 137 28.29 13.24 41.11
C ILE C 137 27.60 14.60 41.08
N SER C 138 28.39 15.65 40.79
CA SER C 138 27.86 17.00 40.79
C SER C 138 28.55 17.86 39.73
N ASP C 139 27.89 18.98 39.40
CA ASP C 139 28.49 20.06 38.61
C ASP C 139 29.01 19.59 37.26
N PHE C 140 28.11 19.05 36.46
CA PHE C 140 28.37 18.73 35.05
C PHE C 140 27.40 19.50 34.16
N TYR C 141 27.78 19.66 32.90
CA TYR C 141 27.00 20.40 31.91
C TYR C 141 27.46 19.97 30.51
N PRO C 142 26.56 19.55 29.61
CA PRO C 142 25.10 19.42 29.78
C PRO C 142 24.71 18.23 30.65
N GLY C 143 23.49 18.22 31.16
CA GLY C 143 23.04 17.15 32.03
C GLY C 143 22.62 15.90 31.29
N ALA C 144 23.59 15.18 30.72
CA ALA C 144 23.34 13.98 29.94
C ALA C 144 24.46 12.99 30.24
N VAL C 145 24.43 12.41 31.44
CA VAL C 145 25.44 11.45 31.88
C VAL C 145 24.74 10.15 32.25
N THR C 146 25.47 9.05 32.08
CA THR C 146 24.96 7.73 32.45
C THR C 146 25.89 7.06 33.46
N ALA C 158 21.46 -5.76 39.18
CA ALA C 158 20.36 -5.86 40.15
C ALA C 158 20.70 -5.10 41.41
N GLY C 159 19.68 -4.68 42.16
CA GLY C 159 19.89 -3.87 43.33
C GLY C 159 20.43 -2.49 43.07
N VAL C 160 20.63 -2.12 41.83
CA VAL C 160 21.13 -0.80 41.46
C VAL C 160 19.95 0.13 41.25
N GLU C 161 20.11 1.39 41.68
CA GLU C 161 19.09 2.39 41.44
C GLU C 161 19.75 3.71 41.09
N THR C 162 19.21 4.38 40.07
CA THR C 162 19.84 5.53 39.46
C THR C 162 18.93 6.75 39.49
N THR C 163 19.57 7.92 39.55
CA THR C 163 18.89 9.19 39.71
C THR C 163 18.70 9.88 38.36
N THR C 164 17.62 10.62 38.24
CA THR C 164 17.47 11.55 37.13
C THR C 164 18.12 12.88 37.49
N PRO C 165 19.03 13.41 36.66
CA PRO C 165 19.76 14.63 37.04
C PRO C 165 18.85 15.77 37.47
N SER C 166 19.40 16.73 38.20
CA SER C 166 18.62 17.84 38.72
C SER C 166 19.42 19.14 38.65
N LYS C 167 18.71 20.24 38.44
CA LYS C 167 19.34 21.56 38.38
C LYS C 167 19.89 21.93 39.75
N GLN C 168 21.15 22.36 39.78
CA GLN C 168 21.82 22.76 41.01
C GLN C 168 21.63 24.25 41.25
N SER C 169 21.94 24.68 42.48
CA SER C 169 21.92 26.10 42.80
C SER C 169 22.71 26.91 41.77
N ASN C 170 23.83 26.37 41.29
CA ASN C 170 24.61 27.00 40.24
C ASN C 170 24.18 26.55 38.84
N ASN C 171 22.98 26.01 38.72
CA ASN C 171 22.35 25.62 37.45
C ASN C 171 23.13 24.57 36.69
N LYS C 172 24.12 23.93 37.33
CA LYS C 172 24.69 22.71 36.77
C LYS C 172 23.78 21.55 37.17
N TYR C 173 24.20 20.33 36.88
CA TYR C 173 23.42 19.13 37.15
C TYR C 173 24.10 18.27 38.19
N ALA C 174 23.29 17.53 38.95
CA ALA C 174 23.79 16.69 40.03
C ALA C 174 22.94 15.44 40.11
N ALA C 175 23.56 14.32 40.48
CA ALA C 175 22.84 13.05 40.54
C ALA C 175 23.66 12.03 41.32
N SER C 176 23.11 10.82 41.44
CA SER C 176 23.70 9.78 42.26
C SER C 176 23.09 8.43 41.92
N SER C 177 23.86 7.36 42.19
CA SER C 177 23.39 5.99 42.05
C SER C 177 23.81 5.16 43.25
N TYR C 178 22.89 4.31 43.70
CA TYR C 178 23.07 3.51 44.91
C TYR C 178 23.04 2.05 44.51
N LEU C 179 24.10 1.31 44.87
CA LEU C 179 24.23 -0.10 44.56
C LEU C 179 24.06 -0.92 45.83
N SER C 180 23.17 -1.91 45.79
CA SER C 180 22.84 -2.70 46.97
C SER C 180 23.65 -3.99 47.01
N LEU C 181 24.05 -4.40 48.21
CA LEU C 181 24.84 -5.60 48.41
C LEU C 181 24.20 -6.51 49.45
N CYS C 194 33.01 3.27 39.64
CA CYS C 194 31.63 3.56 39.28
C CYS C 194 31.52 3.91 37.80
N GLN C 195 30.55 3.31 37.12
CA GLN C 195 30.41 3.38 35.67
C GLN C 195 29.74 4.67 35.25
N VAL C 196 30.55 5.72 35.13
CA VAL C 196 30.09 7.06 34.77
C VAL C 196 30.56 7.39 33.37
N THR C 197 29.68 8.00 32.57
CA THR C 197 29.99 8.34 31.18
C THR C 197 29.48 9.74 30.89
N HIS C 198 30.37 10.73 30.98
CA HIS C 198 30.08 12.11 30.62
C HIS C 198 30.98 12.52 29.46
N GLU C 199 30.41 12.61 28.27
CA GLU C 199 31.16 12.97 27.07
C GLU C 199 32.29 11.98 26.80
N GLY C 200 32.00 10.69 26.98
CA GLY C 200 32.99 9.66 26.79
C GLY C 200 34.12 9.71 27.79
N SER C 201 33.81 9.44 29.06
CA SER C 201 34.83 9.43 30.11
C SER C 201 34.33 8.53 31.24
N THR C 202 34.97 7.39 31.41
CA THR C 202 34.60 6.43 32.46
C THR C 202 35.83 5.80 33.08
N GLU D 1 -26.93 -20.96 -0.30
CA GLU D 1 -25.53 -20.70 -0.77
C GLU D 1 -25.22 -19.21 -0.69
N VAL D 2 -23.96 -18.88 -0.37
CA VAL D 2 -23.49 -17.51 -0.49
C VAL D 2 -23.47 -17.16 -1.97
N GLN D 3 -24.45 -16.40 -2.44
CA GLN D 3 -24.55 -16.13 -3.86
C GLN D 3 -24.99 -14.69 -4.11
N LEU D 4 -24.64 -14.20 -5.30
CA LEU D 4 -25.08 -12.89 -5.77
C LEU D 4 -25.81 -13.06 -7.09
N VAL D 5 -26.88 -12.30 -7.29
CA VAL D 5 -27.70 -12.38 -8.49
C VAL D 5 -27.85 -10.96 -9.04
N GLN D 6 -27.68 -10.82 -10.35
CA GLN D 6 -27.72 -9.52 -11.01
C GLN D 6 -28.93 -9.45 -11.93
N SER D 7 -29.36 -8.22 -12.21
CA SER D 7 -30.57 -8.01 -12.99
C SER D 7 -30.39 -8.51 -14.42
N GLY D 8 -31.49 -8.51 -15.17
CA GLY D 8 -31.47 -9.03 -16.52
C GLY D 8 -30.82 -8.08 -17.50
N ALA D 9 -30.52 -8.62 -18.68
CA ALA D 9 -29.81 -7.88 -19.72
C ALA D 9 -30.66 -6.69 -20.20
N GLU D 10 -29.96 -5.64 -20.63
CA GLU D 10 -30.67 -4.45 -21.08
C GLU D 10 -30.02 -3.87 -22.33
N VAL D 11 -30.88 -3.38 -23.22
CA VAL D 11 -30.50 -2.72 -24.47
C VAL D 11 -31.14 -1.34 -24.47
N LYS D 12 -30.32 -0.30 -24.61
CA LYS D 12 -30.75 1.08 -24.50
C LYS D 12 -30.15 1.90 -25.64
N LYS D 13 -30.49 3.19 -25.68
CA LYS D 13 -29.93 4.15 -26.63
C LYS D 13 -29.10 5.20 -25.90
N PRO D 14 -28.13 5.83 -26.58
CA PRO D 14 -27.33 6.86 -25.91
C PRO D 14 -28.18 8.00 -25.37
N GLY D 15 -27.87 8.42 -24.14
CA GLY D 15 -28.52 9.54 -23.51
C GLY D 15 -29.51 9.15 -22.42
N GLU D 16 -30.06 7.94 -22.48
CA GLU D 16 -31.04 7.50 -21.50
C GLU D 16 -30.32 6.90 -20.30
N SER D 17 -30.77 7.30 -19.10
CA SER D 17 -30.19 6.79 -17.87
C SER D 17 -30.49 5.30 -17.72
N LEU D 18 -29.83 4.67 -16.74
CA LEU D 18 -30.13 3.28 -16.47
C LEU D 18 -29.53 2.85 -15.13
N LYS D 19 -30.29 2.04 -14.39
CA LYS D 19 -29.89 1.53 -13.08
C LYS D 19 -29.97 0.01 -13.10
N ILE D 20 -28.91 -0.66 -12.62
CA ILE D 20 -28.90 -2.11 -12.52
C ILE D 20 -28.52 -2.49 -11.09
N SER D 21 -28.86 -3.73 -10.74
CA SER D 21 -28.91 -4.16 -9.35
C SER D 21 -28.08 -5.43 -9.14
N CYS D 22 -27.85 -5.73 -7.86
CA CYS D 22 -27.03 -6.86 -7.43
C CYS D 22 -27.52 -7.25 -6.04
N LYS D 23 -28.19 -8.39 -5.93
CA LYS D 23 -28.79 -8.83 -4.68
C LYS D 23 -28.09 -10.09 -4.19
N GLY D 24 -27.57 -10.04 -2.97
CA GLY D 24 -26.80 -11.13 -2.40
C GLY D 24 -27.55 -11.82 -1.28
N SER D 25 -27.25 -13.10 -1.09
CA SER D 25 -27.91 -13.91 -0.08
C SER D 25 -26.90 -14.88 0.53
N GLY D 26 -27.15 -15.23 1.78
CA GLY D 26 -26.36 -16.21 2.49
C GLY D 26 -25.31 -15.64 3.42
N TYR D 27 -25.25 -14.33 3.57
CA TYR D 27 -24.23 -13.71 4.39
C TYR D 27 -24.72 -12.34 4.84
N ARG D 28 -23.95 -11.73 5.74
CA ARG D 28 -24.28 -10.41 6.26
C ARG D 28 -23.81 -9.37 5.25
N PHE D 29 -24.76 -8.73 4.56
CA PHE D 29 -24.41 -7.76 3.54
C PHE D 29 -23.40 -6.74 4.00
N PRO D 30 -23.56 -6.08 5.16
CA PRO D 30 -22.69 -4.93 5.48
C PRO D 30 -21.25 -5.30 5.85
N SER D 31 -20.94 -6.57 6.04
CA SER D 31 -19.58 -6.96 6.42
C SER D 31 -18.71 -7.28 5.22
N SER D 32 -19.05 -6.77 4.03
CA SER D 32 -18.27 -7.08 2.85
C SER D 32 -18.45 -5.99 1.79
N TRP D 33 -17.33 -5.62 1.17
CA TRP D 33 -17.34 -4.69 0.05
C TRP D 33 -18.05 -5.30 -1.15
N ILE D 34 -18.65 -4.43 -1.96
CA ILE D 34 -19.28 -4.83 -3.21
C ILE D 34 -18.63 -4.03 -4.33
N GLY D 35 -17.96 -4.73 -5.25
CA GLY D 35 -17.25 -4.09 -6.34
C GLY D 35 -17.96 -4.32 -7.66
N TRP D 36 -17.85 -3.33 -8.55
CA TRP D 36 -18.43 -3.38 -9.88
C TRP D 36 -17.30 -3.30 -10.90
N VAL D 37 -17.30 -4.26 -11.84
CA VAL D 37 -16.22 -4.47 -12.79
C VAL D 37 -16.78 -4.57 -14.20
N ARG D 38 -16.14 -3.88 -15.14
CA ARG D 38 -16.59 -3.82 -16.52
C ARG D 38 -15.73 -4.70 -17.42
N GLN D 39 -16.36 -5.28 -18.43
CA GLN D 39 -15.65 -6.12 -19.40
C GLN D 39 -16.27 -5.87 -20.77
N VAL D 40 -15.56 -5.16 -21.63
CA VAL D 40 -16.02 -5.07 -23.02
C VAL D 40 -15.84 -6.42 -23.68
N PRO D 41 -16.82 -6.93 -24.43
CA PRO D 41 -16.67 -8.27 -25.02
C PRO D 41 -15.34 -8.37 -25.75
N GLY D 42 -14.63 -9.47 -25.50
CA GLY D 42 -13.32 -9.65 -26.09
C GLY D 42 -12.22 -8.80 -25.50
N LYS D 43 -12.39 -8.32 -24.27
CA LYS D 43 -11.38 -7.49 -23.64
C LYS D 43 -11.26 -7.85 -22.17
N GLY D 44 -10.26 -7.27 -21.52
CA GLY D 44 -9.97 -7.57 -20.15
C GLY D 44 -11.05 -7.07 -19.22
N LEU D 45 -10.75 -7.20 -17.93
CA LEU D 45 -11.63 -6.71 -16.87
C LEU D 45 -11.20 -5.31 -16.46
N GLU D 46 -12.18 -4.44 -16.25
CA GLU D 46 -11.94 -3.03 -15.97
C GLU D 46 -12.67 -2.70 -14.68
N TRP D 47 -11.92 -2.57 -13.59
CA TRP D 47 -12.53 -2.27 -12.31
C TRP D 47 -13.07 -0.84 -12.32
N MET D 48 -14.37 -0.70 -12.08
CA MET D 48 -15.03 0.59 -12.07
C MET D 48 -15.12 1.16 -10.65
N GLY D 49 -15.79 0.43 -9.76
CA GLY D 49 -16.02 1.03 -8.45
C GLY D 49 -16.20 -0.01 -7.37
N ILE D 50 -16.38 0.49 -6.14
CA ILE D 50 -16.61 -0.39 -5.00
C ILE D 50 -17.28 0.40 -3.89
N ILE D 51 -18.09 -0.30 -3.10
CA ILE D 51 -18.92 0.31 -2.07
C ILE D 51 -18.93 -0.57 -0.83
N TYR D 52 -18.73 0.05 0.33
CA TYR D 52 -18.94 -0.61 1.61
C TYR D 52 -20.24 -0.09 2.19
N PRO D 53 -21.29 -0.93 2.31
CA PRO D 53 -22.59 -0.39 2.75
C PRO D 53 -22.63 0.01 4.22
N GLY D 54 -21.81 -0.61 5.08
CA GLY D 54 -21.87 -0.31 6.49
C GLY D 54 -21.73 1.18 6.78
N ASP D 55 -20.76 1.82 6.12
CA ASP D 55 -20.60 3.27 6.19
C ASP D 55 -21.15 3.99 4.97
N GLY D 56 -21.59 3.25 3.96
CA GLY D 56 -21.93 3.85 2.69
C GLY D 56 -20.76 4.35 1.90
N GLU D 57 -19.54 3.97 2.27
CA GLU D 57 -18.36 4.53 1.62
C GLU D 57 -18.30 4.04 0.19
N THR D 58 -17.88 4.93 -0.71
CA THR D 58 -17.74 4.60 -2.12
C THR D 58 -16.36 5.01 -2.59
N ARG D 59 -15.81 4.23 -3.50
CA ARG D 59 -14.53 4.56 -4.12
C ARG D 59 -14.62 4.18 -5.60
N TYR D 60 -14.33 5.14 -6.46
CA TYR D 60 -14.49 4.99 -7.89
C TYR D 60 -13.13 4.99 -8.59
N ARG D 61 -13.16 4.75 -9.89
CA ARG D 61 -11.99 4.90 -10.74
C ARG D 61 -11.94 6.32 -11.28
N ALA D 62 -10.71 6.83 -11.46
CA ALA D 62 -10.51 8.14 -12.05
C ALA D 62 -11.44 8.36 -13.24
N SER D 63 -11.39 7.45 -14.22
CA SER D 63 -12.21 7.60 -15.41
C SER D 63 -13.69 7.47 -15.11
N PHE D 64 -14.09 6.41 -14.43
CA PHE D 64 -15.52 6.16 -14.25
C PHE D 64 -16.16 7.04 -13.20
N GLN D 65 -15.51 8.14 -12.83
CA GLN D 65 -16.07 9.05 -11.84
C GLN D 65 -17.37 9.69 -12.31
N GLY D 66 -17.28 10.63 -13.25
CA GLY D 66 -18.45 11.40 -13.63
C GLY D 66 -19.53 10.61 -14.31
N GLN D 67 -19.21 9.41 -14.81
CA GLN D 67 -20.15 8.64 -15.60
C GLN D 67 -21.18 7.93 -14.74
N VAL D 68 -20.71 7.25 -13.68
CA VAL D 68 -21.53 6.27 -12.98
C VAL D 68 -21.73 6.70 -11.53
N THR D 69 -22.67 6.03 -10.89
CA THR D 69 -23.06 6.25 -9.50
C THR D 69 -23.30 4.88 -8.88
N ILE D 70 -22.91 4.73 -7.61
CA ILE D 70 -23.10 3.47 -6.91
C ILE D 70 -23.90 3.73 -5.64
N SER D 71 -24.89 2.87 -5.39
CA SER D 71 -25.77 2.98 -4.23
C SER D 71 -25.85 1.63 -3.52
N ALA D 72 -26.27 1.67 -2.26
CA ALA D 72 -26.36 0.47 -1.44
C ALA D 72 -27.59 0.56 -0.54
N ASP D 73 -28.55 -0.33 -0.77
CA ASP D 73 -29.70 -0.50 0.12
C ASP D 73 -29.34 -1.63 1.09
N GLN D 74 -28.99 -1.25 2.32
CA GLN D 74 -28.66 -2.24 3.35
C GLN D 74 -29.89 -3.04 3.75
N SER D 75 -31.08 -2.43 3.68
CA SER D 75 -32.30 -3.10 4.16
C SER D 75 -32.69 -4.27 3.28
N SER D 76 -32.37 -4.21 1.98
CA SER D 76 -32.67 -5.30 1.06
C SER D 76 -31.42 -6.07 0.65
N ASN D 77 -30.27 -5.76 1.24
CA ASN D 77 -29.01 -6.41 0.86
C ASN D 77 -28.79 -6.30 -0.64
N THR D 78 -28.75 -5.06 -1.12
CA THR D 78 -28.71 -4.82 -2.55
C THR D 78 -27.77 -3.68 -2.90
N ALA D 79 -27.04 -3.84 -3.99
CA ALA D 79 -26.16 -2.81 -4.52
C ALA D 79 -26.67 -2.40 -5.90
N TYR D 80 -26.39 -1.15 -6.26
CA TYR D 80 -26.92 -0.57 -7.49
C TYR D 80 -25.84 0.23 -8.19
N LEU D 81 -25.83 0.16 -9.52
CA LEU D 81 -24.99 0.99 -10.37
C LEU D 81 -25.88 1.73 -11.35
N GLN D 82 -25.54 2.99 -11.64
CA GLN D 82 -26.42 3.82 -12.45
C GLN D 82 -25.63 4.78 -13.33
N TRP D 83 -26.15 4.99 -14.55
CA TRP D 83 -25.71 6.07 -15.41
C TRP D 83 -26.81 7.12 -15.53
N SER D 84 -26.42 8.40 -15.50
CA SER D 84 -27.35 9.49 -15.79
C SER D 84 -27.54 9.68 -17.29
N SER D 85 -26.48 9.47 -18.08
CA SER D 85 -26.54 9.49 -19.53
C SER D 85 -25.64 8.37 -20.02
N LEU D 86 -26.14 7.57 -20.96
CA LEU D 86 -25.35 6.45 -21.46
C LEU D 86 -24.57 6.85 -22.71
N LYS D 87 -23.61 6.01 -23.06
CA LYS D 87 -22.81 6.18 -24.26
C LYS D 87 -22.69 4.84 -24.97
N ALA D 88 -22.04 4.86 -26.13
CA ALA D 88 -21.73 3.61 -26.81
C ALA D 88 -20.59 2.87 -26.10
N SER D 89 -19.55 3.62 -25.70
CA SER D 89 -18.38 3.02 -25.06
C SER D 89 -18.75 2.23 -23.80
N ASP D 90 -19.95 2.39 -23.28
CA ASP D 90 -20.38 1.68 -22.07
C ASP D 90 -20.99 0.32 -22.38
N THR D 91 -21.16 -0.02 -23.66
CA THR D 91 -21.64 -1.35 -24.01
C THR D 91 -20.65 -2.39 -23.52
N ALA D 92 -21.10 -3.27 -22.61
CA ALA D 92 -20.24 -4.31 -22.07
C ALA D 92 -20.97 -5.26 -21.13
N MET D 93 -20.26 -6.23 -20.57
CA MET D 93 -20.76 -7.06 -19.50
C MET D 93 -20.30 -6.45 -18.18
N TYR D 94 -21.22 -6.35 -17.22
CA TYR D 94 -20.93 -5.76 -15.92
C TYR D 94 -21.09 -6.83 -14.85
N TYR D 95 -20.09 -6.95 -13.98
CA TYR D 95 -20.06 -7.94 -12.91
C TYR D 95 -20.03 -7.26 -11.55
N CYS D 96 -20.78 -7.81 -10.59
CA CYS D 96 -20.69 -7.37 -9.20
C CYS D 96 -20.10 -8.52 -8.37
N ALA D 97 -19.13 -8.20 -7.52
CA ALA D 97 -18.39 -9.21 -6.77
C ALA D 97 -18.20 -8.80 -5.33
N ARG D 98 -18.37 -9.76 -4.41
CA ARG D 98 -18.15 -9.54 -3.00
C ARG D 98 -16.65 -9.54 -2.69
N HIS D 99 -16.27 -8.82 -1.64
CA HIS D 99 -14.86 -8.68 -1.29
C HIS D 99 -14.72 -8.53 0.22
N GLY D 100 -13.88 -9.38 0.82
CA GLY D 100 -13.68 -9.33 2.25
C GLY D 100 -13.23 -7.96 2.71
N ARG D 101 -13.37 -7.72 4.02
CA ARG D 101 -13.20 -6.40 4.58
C ARG D 101 -11.86 -6.19 5.27
N GLY D 102 -10.93 -7.13 5.11
CA GLY D 102 -9.61 -6.96 5.70
C GLY D 102 -9.45 -7.66 7.04
N VAL D 103 -9.94 -8.88 7.14
CA VAL D 103 -9.82 -9.70 8.34
C VAL D 103 -9.22 -11.04 7.93
N ARG D 104 -8.47 -11.64 8.86
CA ARG D 104 -7.82 -12.91 8.54
C ARG D 104 -8.84 -14.02 8.27
N GLU D 105 -9.98 -13.99 8.97
CA GLU D 105 -10.98 -15.03 8.78
C GLU D 105 -11.57 -14.98 7.38
N VAL D 106 -11.89 -13.78 6.89
CA VAL D 106 -12.53 -13.65 5.58
C VAL D 106 -11.49 -13.69 4.46
N ILE D 107 -11.98 -13.92 3.26
CA ILE D 107 -11.13 -13.94 2.06
C ILE D 107 -11.00 -12.53 1.53
N ASN D 108 -9.77 -12.02 1.45
CA ASN D 108 -9.52 -10.62 1.11
C ASN D 108 -9.23 -10.50 -0.39
N ALA D 109 -10.28 -10.74 -1.16
CA ALA D 109 -10.26 -10.66 -2.62
C ALA D 109 -11.69 -10.88 -3.12
N PHE D 110 -11.90 -10.83 -4.42
CA PHE D 110 -13.26 -10.95 -4.98
C PHE D 110 -13.64 -12.42 -5.04
N ASP D 111 -14.20 -12.92 -3.94
CA ASP D 111 -14.48 -14.35 -3.81
C ASP D 111 -15.74 -14.75 -4.56
N ILE D 112 -16.87 -14.11 -4.25
CA ILE D 112 -18.15 -14.43 -4.87
C ILE D 112 -18.40 -13.48 -6.04
N TRP D 113 -18.81 -14.03 -7.17
CA TRP D 113 -19.13 -13.23 -8.35
C TRP D 113 -20.59 -13.42 -8.71
N GLY D 114 -21.11 -12.48 -9.52
CA GLY D 114 -22.44 -12.58 -10.05
C GLY D 114 -22.45 -13.15 -11.46
N GLN D 115 -23.65 -13.42 -11.95
CA GLN D 115 -23.79 -13.96 -13.30
C GLN D 115 -23.37 -12.95 -14.36
N GLY D 116 -23.54 -11.67 -14.08
CA GLY D 116 -23.23 -10.62 -15.02
C GLY D 116 -24.49 -10.10 -15.70
N THR D 117 -24.43 -8.83 -16.10
CA THR D 117 -25.52 -8.25 -16.88
C THR D 117 -24.94 -7.58 -18.12
N MET D 118 -25.49 -7.93 -19.29
CA MET D 118 -25.08 -7.33 -20.54
C MET D 118 -25.82 -6.02 -20.75
N VAL D 119 -25.07 -4.95 -21.00
CA VAL D 119 -25.63 -3.64 -21.30
C VAL D 119 -25.19 -3.27 -22.71
N THR D 120 -26.16 -3.16 -23.62
CA THR D 120 -25.88 -2.90 -25.03
C THR D 120 -26.46 -1.54 -25.41
N VAL D 121 -25.58 -0.64 -25.83
CA VAL D 121 -25.98 0.70 -26.28
C VAL D 121 -25.62 0.81 -27.75
N SER D 122 -26.63 1.04 -28.59
CA SER D 122 -26.43 1.10 -30.03
C SER D 122 -27.57 1.91 -30.62
N SER D 123 -27.26 3.09 -31.15
CA SER D 123 -28.24 3.85 -31.92
C SER D 123 -28.42 3.28 -33.32
N ALA D 124 -27.74 2.18 -33.64
CA ALA D 124 -27.71 1.65 -35.00
C ALA D 124 -29.12 1.51 -35.57
N SER D 125 -29.27 1.95 -36.82
CA SER D 125 -30.53 1.83 -37.53
C SER D 125 -30.38 0.78 -38.62
N THR D 126 -31.47 0.05 -38.88
CA THR D 126 -31.46 -0.95 -39.94
C THR D 126 -30.85 -0.35 -41.20
N LYS D 127 -29.77 -0.98 -41.69
CA LYS D 127 -29.05 -0.47 -42.84
C LYS D 127 -28.53 -1.65 -43.65
N GLY D 128 -28.42 -1.44 -44.96
CA GLY D 128 -27.97 -2.47 -45.86
C GLY D 128 -26.49 -2.39 -46.17
N PRO D 129 -25.88 -3.52 -46.50
CA PRO D 129 -24.43 -3.56 -46.64
C PRO D 129 -23.93 -2.97 -47.93
N SER D 130 -22.74 -2.37 -47.86
CA SER D 130 -21.97 -2.03 -49.05
C SER D 130 -20.94 -3.13 -49.28
N VAL D 131 -20.79 -3.52 -50.54
CA VAL D 131 -19.97 -4.67 -50.92
C VAL D 131 -18.82 -4.19 -51.79
N PHE D 132 -17.61 -4.63 -51.46
CA PHE D 132 -16.44 -4.20 -52.19
C PHE D 132 -15.53 -5.38 -52.49
N PRO D 133 -14.84 -5.37 -53.63
CA PRO D 133 -14.02 -6.53 -53.98
C PRO D 133 -12.55 -6.40 -53.58
N LEU D 134 -12.12 -7.33 -52.72
CA LEU D 134 -10.72 -7.50 -52.35
C LEU D 134 -10.03 -8.28 -53.46
N ALA D 135 -9.34 -7.58 -54.35
CA ALA D 135 -8.69 -8.19 -55.49
C ALA D 135 -7.35 -8.82 -55.10
N PRO D 136 -6.94 -9.86 -55.80
CA PRO D 136 -5.63 -10.46 -55.55
C PRO D 136 -4.51 -9.65 -56.19
N SER D 137 -3.30 -9.86 -55.67
CA SER D 137 -2.12 -9.23 -56.23
C SER D 137 -0.92 -10.10 -55.86
N SER D 138 0.29 -9.56 -56.09
CA SER D 138 1.51 -10.30 -55.72
C SER D 138 1.52 -10.62 -54.24
N LYS D 139 1.16 -9.65 -53.40
CA LYS D 139 1.16 -9.88 -51.96
C LYS D 139 0.03 -10.78 -51.50
N SER D 140 -0.88 -11.16 -52.39
CA SER D 140 -1.95 -12.09 -52.07
C SER D 140 -1.69 -13.49 -52.62
N THR D 141 -0.51 -13.73 -53.20
CA THR D 141 -0.20 -14.97 -53.90
C THR D 141 1.14 -15.50 -53.41
N SER D 142 1.19 -16.81 -53.13
CA SER D 142 2.43 -17.46 -52.71
C SER D 142 2.42 -18.89 -53.24
N GLY D 143 3.27 -19.16 -54.23
CA GLY D 143 3.44 -20.50 -54.75
C GLY D 143 2.18 -21.12 -55.29
N GLY D 144 1.67 -20.58 -56.39
CA GLY D 144 0.48 -21.11 -57.03
C GLY D 144 -0.80 -20.54 -56.47
N THR D 145 -1.01 -20.72 -55.16
CA THR D 145 -2.21 -20.24 -54.51
C THR D 145 -2.28 -18.71 -54.55
N ALA D 146 -3.51 -18.21 -54.65
CA ALA D 146 -3.75 -16.77 -54.64
C ALA D 146 -5.12 -16.51 -54.00
N ALA D 147 -5.18 -15.49 -53.16
CA ALA D 147 -6.37 -15.22 -52.37
C ALA D 147 -7.12 -14.00 -52.92
N LEU D 148 -8.45 -14.03 -52.79
CA LEU D 148 -9.28 -12.88 -53.13
C LEU D 148 -10.50 -12.92 -52.20
N GLY D 149 -11.36 -11.92 -52.32
CA GLY D 149 -12.56 -11.95 -51.49
C GLY D 149 -13.44 -10.73 -51.64
N CYS D 150 -14.41 -10.65 -50.72
CA CYS D 150 -15.40 -9.58 -50.64
C CYS D 150 -15.42 -9.00 -49.24
N LEU D 151 -15.63 -7.68 -49.17
CA LEU D 151 -15.81 -6.96 -47.92
C LEU D 151 -17.25 -6.44 -47.86
N VAL D 152 -17.95 -6.77 -46.78
CA VAL D 152 -19.29 -6.28 -46.50
C VAL D 152 -19.16 -5.30 -45.35
N LYS D 153 -19.59 -4.05 -45.56
CA LYS D 153 -19.39 -3.01 -44.56
C LYS D 153 -20.68 -2.23 -44.32
N ASP D 154 -20.85 -1.77 -43.07
CA ASP D 154 -21.87 -0.77 -42.73
C ASP D 154 -23.29 -1.34 -42.90
N TYR D 155 -23.52 -2.52 -42.32
CA TYR D 155 -24.83 -3.14 -42.38
C TYR D 155 -25.31 -3.46 -40.97
N PHE D 156 -26.62 -3.39 -40.79
CA PHE D 156 -27.26 -3.68 -39.52
C PHE D 156 -28.71 -4.07 -39.79
N PRO D 157 -29.29 -4.97 -38.99
CA PRO D 157 -28.60 -5.80 -38.00
C PRO D 157 -28.02 -7.03 -38.68
N GLU D 158 -27.57 -8.00 -37.90
CA GLU D 158 -27.14 -9.27 -38.45
C GLU D 158 -28.35 -10.17 -38.71
N PRO D 159 -28.19 -11.22 -39.52
CA PRO D 159 -26.97 -11.59 -40.24
C PRO D 159 -27.01 -11.28 -41.72
N VAL D 160 -25.93 -11.66 -42.41
CA VAL D 160 -25.86 -11.69 -43.86
C VAL D 160 -25.38 -13.08 -44.25
N THR D 161 -25.57 -13.40 -45.52
CA THR D 161 -25.08 -14.64 -46.10
C THR D 161 -24.10 -14.29 -47.21
N VAL D 162 -22.99 -15.02 -47.26
CA VAL D 162 -22.05 -14.89 -48.37
C VAL D 162 -21.85 -16.27 -48.97
N SER D 163 -22.04 -16.35 -50.28
CA SER D 163 -21.73 -17.53 -51.08
C SER D 163 -20.77 -17.10 -52.19
N TRP D 164 -20.28 -18.08 -52.94
CA TRP D 164 -19.31 -17.80 -54.00
C TRP D 164 -19.70 -18.54 -55.26
N ASN D 165 -20.01 -17.78 -56.31
CA ASN D 165 -20.49 -18.35 -57.55
C ASN D 165 -21.72 -19.21 -57.27
N SER D 166 -22.68 -18.60 -56.58
CA SER D 166 -23.98 -19.22 -56.32
C SER D 166 -23.81 -20.57 -55.62
N GLY D 167 -22.99 -20.58 -54.57
CA GLY D 167 -22.79 -21.77 -53.77
C GLY D 167 -22.05 -22.89 -54.46
N ALA D 168 -21.72 -22.73 -55.74
CA ALA D 168 -20.94 -23.74 -56.45
C ALA D 168 -19.60 -23.97 -55.75
N LEU D 169 -18.93 -22.88 -55.39
CA LEU D 169 -17.60 -22.96 -54.81
C LEU D 169 -17.71 -23.22 -53.32
N THR D 170 -16.94 -24.21 -52.85
CA THR D 170 -16.94 -24.58 -51.45
C THR D 170 -15.55 -24.80 -50.88
N SER D 171 -14.54 -24.95 -51.73
CA SER D 171 -13.19 -25.28 -51.31
C SER D 171 -12.34 -24.03 -51.21
N GLY D 172 -11.74 -23.81 -50.04
CA GLY D 172 -10.89 -22.65 -49.85
C GLY D 172 -11.61 -21.40 -49.44
N VAL D 173 -12.84 -21.49 -48.94
CA VAL D 173 -13.62 -20.34 -48.56
C VAL D 173 -13.64 -20.22 -47.04
N HIS D 174 -13.23 -19.07 -46.53
CA HIS D 174 -13.38 -18.72 -45.12
C HIS D 174 -14.29 -17.49 -45.05
N THR D 175 -15.43 -17.62 -44.36
CA THR D 175 -16.29 -16.47 -44.08
C THR D 175 -16.07 -16.10 -42.61
N PHE D 176 -15.51 -14.91 -42.40
CA PHE D 176 -15.07 -14.48 -41.08
C PHE D 176 -16.22 -13.94 -40.24
N PRO D 177 -16.13 -14.08 -38.92
CA PRO D 177 -17.10 -13.41 -38.05
C PRO D 177 -17.12 -11.91 -38.29
N ALA D 178 -18.24 -11.30 -37.90
CA ALA D 178 -18.46 -9.88 -38.14
C ALA D 178 -18.05 -9.06 -36.93
N VAL D 179 -17.50 -7.88 -37.18
CA VAL D 179 -17.07 -6.98 -36.11
C VAL D 179 -18.18 -5.99 -35.86
N LEU D 180 -18.44 -5.72 -34.57
CA LEU D 180 -19.37 -4.67 -34.17
C LEU D 180 -18.55 -3.40 -33.93
N GLN D 181 -18.60 -2.48 -34.89
CA GLN D 181 -17.81 -1.27 -34.82
C GLN D 181 -18.47 -0.25 -33.90
N SER D 182 -17.80 0.90 -33.74
CA SER D 182 -18.29 1.93 -32.84
C SER D 182 -19.69 2.40 -33.23
N SER D 183 -19.92 2.56 -34.53
CA SER D 183 -21.21 3.05 -35.03
C SER D 183 -22.37 2.11 -34.77
N GLY D 184 -22.14 1.00 -34.07
CA GLY D 184 -23.15 -0.01 -33.91
C GLY D 184 -23.45 -0.81 -35.16
N LEU D 185 -22.75 -0.55 -36.25
CA LEU D 185 -22.92 -1.25 -37.51
C LEU D 185 -21.85 -2.32 -37.66
N TYR D 186 -22.18 -3.41 -38.33
CA TYR D 186 -21.26 -4.52 -38.49
C TYR D 186 -20.54 -4.49 -39.84
N SER D 187 -19.55 -5.37 -39.95
CA SER D 187 -18.77 -5.58 -41.17
C SER D 187 -18.13 -6.95 -41.09
N LEU D 188 -17.93 -7.56 -42.26
CA LEU D 188 -17.23 -8.83 -42.33
C LEU D 188 -16.58 -9.00 -43.69
N SER D 189 -15.88 -10.12 -43.84
CA SER D 189 -15.13 -10.41 -45.06
C SER D 189 -15.27 -11.89 -45.38
N SER D 190 -15.46 -12.19 -46.66
CA SER D 190 -15.46 -13.55 -47.18
C SER D 190 -14.26 -13.69 -48.10
N VAL D 191 -13.42 -14.69 -47.85
CA VAL D 191 -12.21 -14.87 -48.63
C VAL D 191 -12.22 -16.25 -49.24
N VAL D 192 -11.57 -16.38 -50.39
CA VAL D 192 -11.40 -17.68 -51.04
C VAL D 192 -10.01 -17.74 -51.66
N THR D 193 -9.39 -18.91 -51.57
CA THR D 193 -8.11 -19.19 -52.19
C THR D 193 -8.34 -20.00 -53.46
N VAL D 194 -7.49 -19.77 -54.46
CA VAL D 194 -7.64 -20.45 -55.74
C VAL D 194 -6.29 -20.51 -56.46
N PRO D 195 -6.12 -21.43 -57.42
CA PRO D 195 -4.87 -21.41 -58.22
C PRO D 195 -4.68 -20.09 -58.93
N SER D 196 -3.42 -19.75 -59.20
CA SER D 196 -3.11 -18.49 -59.88
C SER D 196 -3.43 -18.55 -61.37
N SER D 197 -3.21 -19.71 -61.99
CA SER D 197 -3.48 -19.84 -63.42
C SER D 197 -4.90 -19.43 -63.76
N SER D 198 -5.84 -19.62 -62.84
CA SER D 198 -7.25 -19.39 -63.11
C SER D 198 -7.63 -17.91 -63.06
N LEU D 199 -6.83 -17.07 -62.40
CA LEU D 199 -7.21 -15.67 -62.23
C LEU D 199 -7.63 -15.04 -63.56
N GLY D 200 -7.06 -15.49 -64.67
CA GLY D 200 -7.30 -14.86 -65.95
C GLY D 200 -8.62 -15.21 -66.60
N THR D 201 -8.97 -16.49 -66.57
CA THR D 201 -10.19 -16.97 -67.22
C THR D 201 -11.36 -17.06 -66.27
N GLN D 202 -11.23 -17.84 -65.20
CA GLN D 202 -12.31 -18.04 -64.26
C GLN D 202 -12.76 -16.71 -63.65
N THR D 203 -14.05 -16.42 -63.76
CA THR D 203 -14.65 -15.26 -63.11
C THR D 203 -15.21 -15.68 -61.76
N TYR D 204 -14.80 -14.98 -60.71
CA TYR D 204 -15.24 -15.26 -59.35
C TYR D 204 -16.23 -14.19 -58.92
N ILE D 205 -17.31 -14.65 -58.28
CA ILE D 205 -18.43 -13.79 -57.94
C ILE D 205 -18.86 -14.12 -56.53
N CYS D 206 -18.94 -13.10 -55.68
CA CYS D 206 -19.43 -13.27 -54.33
C CYS D 206 -20.86 -12.78 -54.26
N ASN D 207 -21.74 -13.59 -53.67
CA ASN D 207 -23.16 -13.27 -53.53
C ASN D 207 -23.41 -12.95 -52.07
N VAL D 208 -23.92 -11.75 -51.80
CA VAL D 208 -24.22 -11.28 -50.46
C VAL D 208 -25.71 -11.08 -50.34
N ASN D 209 -26.28 -11.58 -49.24
CA ASN D 209 -27.70 -11.45 -48.95
C ASN D 209 -27.88 -10.86 -47.57
N HIS D 210 -28.53 -9.70 -47.49
CA HIS D 210 -28.93 -9.08 -46.22
C HIS D 210 -30.45 -8.93 -46.30
N LYS D 211 -31.19 -9.87 -45.72
CA LYS D 211 -32.65 -9.81 -45.81
C LYS D 211 -33.24 -8.59 -45.13
N PRO D 212 -32.72 -8.11 -43.99
CA PRO D 212 -33.33 -6.94 -43.33
C PRO D 212 -33.67 -5.79 -44.27
N SER D 213 -32.79 -5.49 -45.21
CA SER D 213 -33.02 -4.42 -46.16
C SER D 213 -33.43 -4.96 -47.54
N ASN D 214 -33.67 -6.27 -47.65
CA ASN D 214 -33.80 -6.90 -48.95
C ASN D 214 -32.70 -6.42 -49.87
N THR D 215 -31.47 -6.71 -49.48
CA THR D 215 -30.28 -6.27 -50.21
C THR D 215 -29.51 -7.51 -50.67
N LYS D 216 -29.70 -7.87 -51.93
CA LYS D 216 -28.91 -8.91 -52.59
C LYS D 216 -27.95 -8.24 -53.55
N VAL D 217 -26.68 -8.62 -53.49
CA VAL D 217 -25.63 -7.98 -54.28
C VAL D 217 -24.65 -9.05 -54.72
N ASP D 218 -24.31 -9.07 -56.00
CA ASP D 218 -23.24 -9.92 -56.51
C ASP D 218 -22.11 -9.03 -56.98
N LYS D 219 -20.91 -9.29 -56.48
CA LYS D 219 -19.73 -8.58 -56.95
C LYS D 219 -18.85 -9.54 -57.73
N LYS D 220 -18.36 -9.07 -58.89
CA LYS D 220 -17.26 -9.74 -59.56
C LYS D 220 -15.95 -9.27 -58.94
N VAL D 221 -15.05 -10.22 -58.70
CA VAL D 221 -13.74 -9.92 -58.11
C VAL D 221 -12.74 -10.02 -59.24
N GLU D 222 -12.50 -8.87 -59.91
CA GLU D 222 -11.53 -8.73 -60.99
C GLU D 222 -10.13 -8.61 -60.41
N PRO D 223 -9.14 -9.31 -61.00
CA PRO D 223 -7.74 -8.96 -60.71
C PRO D 223 -7.43 -7.54 -61.15
N LYS D 224 -6.79 -6.78 -60.27
CA LYS D 224 -6.47 -5.39 -60.54
C LYS D 224 -5.80 -5.27 -61.92
N SER D 225 -6.24 -4.28 -62.70
CA SER D 225 -5.67 -4.00 -64.01
C SER D 225 -4.70 -2.83 -63.89
N CYS D 226 -3.41 -3.12 -64.02
CA CYS D 226 -2.37 -2.12 -63.83
C CYS D 226 -1.97 -1.49 -65.17
N THR E 2 34.49 -17.51 21.24
CA THR E 2 33.17 -17.92 21.71
C THR E 2 32.10 -17.56 20.68
N THR E 3 31.92 -18.42 19.69
CA THR E 3 30.95 -18.18 18.62
C THR E 3 29.54 -18.25 19.20
N PHE E 4 28.89 -17.09 19.33
CA PHE E 4 27.58 -17.00 19.95
C PHE E 4 26.49 -17.42 18.97
N LYS E 5 25.26 -17.52 19.49
CA LYS E 5 24.10 -17.91 18.72
C LYS E 5 22.94 -16.95 19.00
N LEU E 6 22.08 -16.78 18.00
CA LEU E 6 20.87 -16.00 18.10
C LEU E 6 19.68 -16.87 17.70
N ALA E 7 18.50 -16.51 18.20
CA ALA E 7 17.26 -17.24 17.90
C ALA E 7 16.18 -16.23 17.49
N ALA E 8 15.97 -16.09 16.18
CA ALA E 8 14.94 -15.21 15.64
C ALA E 8 13.66 -16.01 15.48
N CYS E 9 12.65 -15.67 16.28
CA CYS E 9 11.40 -16.42 16.31
C CYS E 9 10.26 -15.60 15.71
N VAL E 10 9.40 -16.28 14.97
CA VAL E 10 8.20 -15.70 14.38
C VAL E 10 7.02 -16.55 14.81
N THR E 11 5.88 -15.90 15.03
CA THR E 11 4.69 -16.61 15.48
C THR E 11 3.66 -16.71 14.35
N LEU E 12 2.78 -17.70 14.46
CA LEU E 12 1.77 -17.94 13.44
C LEU E 12 0.72 -18.88 14.03
N LYS E 13 -0.42 -18.99 13.34
CA LYS E 13 -1.43 -19.96 13.72
C LYS E 13 -2.12 -20.45 12.45
N CYS E 14 -1.91 -21.72 12.11
CA CYS E 14 -2.38 -22.28 10.85
C CYS E 14 -3.80 -22.82 10.98
N SER E 15 -4.59 -22.61 9.92
CA SER E 15 -5.93 -23.19 9.85
C SER E 15 -5.78 -24.69 9.55
N THR E 16 -6.19 -25.52 10.49
CA THR E 16 -6.06 -26.97 10.34
C THR E 16 -6.87 -27.46 9.15
N TYR E 17 -6.22 -28.23 8.28
CA TYR E 17 -6.89 -28.83 7.14
C TYR E 17 -7.75 -30.01 7.59
N ASN E 18 -8.71 -30.38 6.75
CA ASN E 18 -9.60 -31.49 7.06
C ASN E 18 -8.83 -32.81 6.98
N ASP E 19 -8.70 -33.50 8.12
CA ASP E 19 -8.10 -34.84 8.17
C ASP E 19 -6.68 -34.81 7.56
N SER E 20 -5.84 -33.96 8.14
CA SER E 20 -4.47 -33.83 7.69
C SER E 20 -3.52 -34.15 8.83
N ILE E 21 -2.45 -34.89 8.51
CA ILE E 21 -1.42 -35.16 9.49
C ILE E 21 -0.67 -33.86 9.77
N GLU E 22 -0.39 -33.61 11.06
CA GLU E 22 0.33 -32.41 11.43
C GLU E 22 1.64 -32.27 10.68
N GLU E 23 2.22 -33.39 10.24
CA GLU E 23 3.41 -33.37 9.40
C GLU E 23 3.19 -32.59 8.11
N GLU E 24 1.94 -32.31 7.75
CA GLU E 24 1.68 -31.42 6.62
C GLU E 24 2.08 -29.99 6.94
N ILE E 25 1.71 -29.53 8.13
CA ILE E 25 1.75 -28.11 8.49
C ILE E 25 3.13 -27.51 8.26
N GLN E 26 4.15 -28.37 8.15
CA GLN E 26 5.47 -27.89 7.73
C GLN E 26 5.31 -26.83 6.66
N ARG E 27 4.69 -27.19 5.55
CA ARG E 27 4.40 -26.23 4.49
C ARG E 27 3.58 -25.07 5.04
N CYS E 28 2.41 -25.36 5.61
CA CYS E 28 1.58 -24.31 6.19
C CYS E 28 2.37 -23.39 7.10
N LEU E 29 3.47 -23.90 7.68
CA LEU E 29 4.27 -23.09 8.58
C LEU E 29 5.20 -22.16 7.80
N PHE E 30 5.92 -22.69 6.82
CA PHE E 30 6.94 -21.89 6.16
C PHE E 30 6.39 -21.01 5.04
N ASN E 31 5.23 -21.35 4.48
CA ASN E 31 4.63 -20.47 3.48
C ASN E 31 4.30 -19.11 4.05
N THR E 32 4.21 -18.98 5.36
CA THR E 32 3.82 -17.73 6.03
C THR E 32 4.96 -17.27 6.94
N THR E 33 5.98 -16.66 6.32
CA THR E 33 7.13 -16.10 6.98
C THR E 33 6.86 -14.63 7.33
N THR E 34 7.88 -13.94 7.83
CA THR E 34 7.67 -12.56 8.30
C THR E 34 7.30 -11.64 7.14
N GLU E 35 8.14 -11.59 6.11
CA GLU E 35 7.87 -10.71 4.97
C GLU E 35 6.42 -10.83 4.52
N ILE E 36 5.90 -12.05 4.45
CA ILE E 36 4.51 -12.25 4.06
C ILE E 36 3.58 -11.56 5.05
N ARG E 37 3.85 -11.70 6.35
CA ARG E 37 2.99 -11.06 7.35
C ARG E 37 3.03 -9.53 7.21
N ASP E 38 4.21 -8.98 6.92
CA ASP E 38 4.36 -7.53 6.82
C ASP E 38 3.58 -7.00 5.62
N LYS E 39 3.72 -7.65 4.46
CA LYS E 39 2.99 -7.16 3.29
C LYS E 39 1.50 -7.48 3.36
N LYS E 40 1.10 -8.52 4.10
CA LYS E 40 -0.32 -8.78 4.28
C LYS E 40 -0.96 -7.72 5.17
N GLN E 41 -0.27 -7.31 6.23
CA GLN E 41 -0.78 -6.21 7.05
C GLN E 41 -0.82 -4.92 6.24
N LYS E 42 0.21 -4.65 5.45
CA LYS E 42 0.22 -3.41 4.66
C LYS E 42 -0.82 -3.41 3.55
N ALA E 43 -1.26 -4.60 3.10
CA ALA E 43 -2.26 -4.68 2.04
C ALA E 43 -3.69 -4.64 2.57
N TYR E 44 -3.97 -5.33 3.68
CA TYR E 44 -5.33 -5.30 4.22
C TYR E 44 -5.72 -3.90 4.69
N ALA E 45 -4.74 -3.12 5.19
CA ALA E 45 -5.06 -1.80 5.73
C ALA E 45 -5.86 -0.96 4.75
N LEU E 46 -5.66 -1.15 3.45
CA LEU E 46 -6.24 -0.25 2.46
C LEU E 46 -7.75 -0.39 2.36
N PHE E 47 -8.26 -1.62 2.41
CA PHE E 47 -9.69 -1.86 2.33
C PHE E 47 -10.23 -2.40 3.65
N TYR E 48 -9.57 -2.07 4.75
CA TYR E 48 -9.96 -2.58 6.05
C TYR E 48 -11.16 -1.82 6.59
N LYS E 49 -12.18 -2.57 7.02
CA LYS E 49 -13.30 -2.02 7.77
C LYS E 49 -13.47 -2.83 9.05
N TYR E 50 -13.88 -2.17 10.11
CA TYR E 50 -14.01 -2.79 11.41
C TYR E 50 -15.47 -3.14 11.71
N ASP E 51 -15.68 -4.27 12.38
CA ASP E 51 -17.01 -4.68 12.79
C ASP E 51 -16.90 -5.48 14.08
N ILE E 52 -17.77 -5.16 15.05
CA ILE E 52 -17.71 -5.79 16.36
C ILE E 52 -17.98 -7.29 16.25
N VAL E 53 -18.89 -7.69 15.37
CA VAL E 53 -19.38 -9.05 15.29
C VAL E 53 -18.20 -10.01 15.18
N PRO E 54 -18.15 -11.06 16.00
CA PRO E 54 -16.96 -11.94 16.00
C PRO E 54 -17.04 -12.97 14.88
N LEU E 55 -16.00 -13.00 14.06
CA LEU E 55 -15.83 -14.05 13.06
C LEU E 55 -14.76 -15.06 13.44
N LYS E 56 -14.16 -14.92 14.63
CA LYS E 56 -13.06 -15.79 15.04
C LYS E 56 -13.52 -17.13 15.57
N GLY E 57 -14.78 -17.26 15.96
CA GLY E 57 -15.23 -18.47 16.62
C GLY E 57 -15.81 -19.53 15.70
N ASN E 58 -15.49 -19.48 14.42
CA ASN E 58 -16.11 -20.37 13.45
C ASN E 58 -15.36 -21.69 13.27
N ASN E 59 -14.03 -21.71 13.43
CA ASN E 59 -13.25 -22.89 13.11
C ASN E 59 -12.29 -23.23 14.24
N SER E 60 -11.64 -24.39 14.11
CA SER E 60 -10.70 -24.91 15.09
C SER E 60 -9.29 -24.85 14.51
N GLU E 61 -8.36 -24.24 15.25
CA GLU E 61 -6.99 -24.11 14.79
C GLU E 61 -6.05 -24.02 16.00
N TYR E 62 -4.76 -23.92 15.70
CA TYR E 62 -3.69 -24.01 16.70
C TYR E 62 -2.72 -22.86 16.52
N ILE E 63 -1.83 -22.69 17.49
CA ILE E 63 -0.82 -21.63 17.48
C ILE E 63 0.56 -22.26 17.58
N LEU E 64 1.48 -21.79 16.72
CA LEU E 64 2.84 -22.33 16.70
C LEU E 64 3.86 -21.23 16.38
N ILE E 65 5.13 -21.63 16.39
CA ILE E 65 6.26 -20.70 16.27
C ILE E 65 7.33 -21.33 15.39
N ASN E 66 7.92 -20.52 14.51
CA ASN E 66 9.08 -20.93 13.71
C ASN E 66 10.27 -20.08 14.13
N CYS E 67 11.30 -20.72 14.68
CA CYS E 67 12.52 -20.04 15.08
C CYS E 67 13.67 -20.50 14.20
N GLN E 68 14.52 -19.57 13.81
CA GLN E 68 15.75 -19.87 13.09
C GLN E 68 16.94 -19.33 13.88
N THR E 69 18.10 -19.90 13.64
CA THR E 69 19.29 -19.58 14.42
C THR E 69 20.47 -19.25 13.51
N THR E 70 21.22 -18.21 13.87
CA THR E 70 22.48 -17.88 13.25
C THR E 70 23.59 -17.87 14.31
N THR E 71 24.83 -17.72 13.85
CA THR E 71 25.99 -17.74 14.74
C THR E 71 26.98 -16.66 14.32
N THR E 72 27.79 -16.22 15.27
CA THR E 72 28.86 -15.27 14.98
C THR E 72 29.96 -15.39 16.04
N GLU E 73 31.18 -15.09 15.62
CA GLU E 73 32.33 -15.05 16.52
C GLU E 73 32.77 -13.61 16.75
N ALA E 74 33.05 -13.27 18.00
CA ALA E 74 33.55 -11.95 18.36
C ALA E 74 34.75 -12.10 19.28
N VAL E 75 35.77 -11.27 19.05
CA VAL E 75 36.91 -11.22 19.96
C VAL E 75 36.47 -10.69 21.32
N ASP E 76 35.52 -9.76 21.33
CA ASP E 76 34.99 -9.19 22.57
C ASP E 76 33.66 -9.85 22.92
N ALA E 77 33.34 -9.81 24.22
CA ALA E 77 32.15 -10.51 24.72
C ALA E 77 30.88 -9.76 24.33
N ALA E 78 30.76 -8.51 24.74
CA ALA E 78 29.52 -7.76 24.57
C ALA E 78 29.38 -7.11 23.19
N THR E 79 30.47 -6.99 22.43
CA THR E 79 30.36 -6.38 21.10
C THR E 79 29.39 -7.15 20.21
N ALA E 80 29.27 -8.46 20.42
CA ALA E 80 28.45 -9.29 19.55
C ALA E 80 27.10 -8.65 19.29
N ALA E 81 26.37 -8.31 20.34
CA ALA E 81 25.01 -7.78 20.21
C ALA E 81 24.96 -6.70 19.14
N LYS E 82 25.91 -5.76 19.16
CA LYS E 82 25.90 -4.67 18.18
C LYS E 82 25.74 -5.25 16.77
N VAL E 83 26.68 -6.10 16.36
CA VAL E 83 26.60 -6.76 15.06
C VAL E 83 25.20 -7.32 14.84
N PHE E 84 24.72 -8.13 15.80
CA PHE E 84 23.39 -8.71 15.69
C PHE E 84 22.38 -7.65 15.28
N LYS E 85 22.23 -6.60 16.10
CA LYS E 85 21.24 -5.58 15.81
C LYS E 85 21.40 -5.09 14.38
N GLN E 86 22.61 -4.70 14.01
CA GLN E 86 22.88 -4.28 12.63
C GLN E 86 22.32 -5.31 11.66
N TYR E 87 22.81 -6.55 11.76
CA TYR E 87 22.37 -7.61 10.86
C TYR E 87 20.85 -7.76 10.87
N ALA E 88 20.24 -7.65 12.04
CA ALA E 88 18.77 -7.73 12.10
C ALA E 88 18.15 -6.67 11.21
N ASN E 89 18.53 -5.40 11.42
CA ASN E 89 18.04 -4.32 10.58
C ASN E 89 18.30 -4.61 9.12
N ASP E 90 19.42 -5.27 8.81
CA ASP E 90 19.84 -5.59 7.43
C ASP E 90 18.91 -6.64 6.77
N ASN E 91 18.59 -7.74 7.44
CA ASN E 91 17.74 -8.82 6.84
C ASN E 91 16.58 -9.33 7.72
N GLY E 92 16.36 -8.82 8.94
CA GLY E 92 15.30 -9.38 9.80
C GLY E 92 14.50 -8.34 10.57
N ILE E 93 13.31 -8.73 11.06
CA ILE E 93 12.43 -7.89 11.86
C ILE E 93 13.04 -7.73 13.25
N ASP E 94 12.78 -6.60 13.88
CA ASP E 94 13.35 -6.29 15.20
C ASP E 94 12.29 -6.59 16.26
N GLY E 95 12.39 -7.75 16.88
CA GLY E 95 11.54 -8.12 17.99
C GLY E 95 12.11 -7.67 19.31
N GLU E 96 11.58 -8.25 20.40
CA GLU E 96 12.14 -8.02 21.71
C GLU E 96 13.35 -8.94 21.94
N TRP E 97 14.37 -8.40 22.59
CA TRP E 97 15.68 -9.03 22.68
C TRP E 97 15.95 -9.56 24.09
N THR E 98 16.60 -10.72 24.17
CA THR E 98 16.86 -11.41 25.42
C THR E 98 18.22 -12.08 25.34
N TYR E 99 18.76 -12.47 26.50
CA TYR E 99 19.96 -13.31 26.55
C TYR E 99 19.70 -14.53 27.45
N PHE E 106 21.23 -15.24 23.10
CA PHE E 106 20.51 -14.12 22.51
C PHE E 106 19.26 -14.58 21.76
N THR E 107 18.16 -13.83 21.93
CA THR E 107 16.86 -14.26 21.42
C THR E 107 16.03 -13.05 21.00
N VAL E 108 15.52 -13.07 19.78
CA VAL E 108 14.60 -12.04 19.30
C VAL E 108 13.23 -12.66 19.07
N THR E 109 12.21 -12.06 19.66
CA THR E 109 10.85 -12.60 19.59
C THR E 109 9.93 -11.57 18.94
N GLU E 110 9.12 -12.04 17.99
CA GLU E 110 8.06 -11.24 17.37
C GLU E 110 6.75 -12.01 17.56
N GLY E 111 6.09 -11.79 18.68
CA GLY E 111 4.84 -12.47 18.98
C GLY E 111 4.24 -12.11 20.33
N TYR F 2 -0.21 2.35 -12.74
CA TYR F 2 0.51 1.12 -12.45
C TYR F 2 -0.10 -0.04 -13.22
N GLU F 3 0.64 -0.60 -14.17
CA GLU F 3 0.11 -1.61 -15.06
C GLU F 3 0.72 -2.98 -14.74
N LEU F 4 -0.01 -4.01 -15.16
CA LEU F 4 0.40 -5.40 -14.97
C LEU F 4 0.66 -6.02 -16.34
N THR F 5 1.80 -6.69 -16.47
CA THR F 5 2.21 -7.29 -17.74
C THR F 5 1.94 -8.79 -17.65
N GLN F 6 0.73 -9.21 -18.16
CA GLN F 6 0.39 -10.62 -18.33
C GLN F 6 0.66 -11.05 -19.77
N PRO F 7 1.06 -12.30 -19.99
CA PRO F 7 1.33 -12.78 -21.35
C PRO F 7 0.04 -13.09 -22.10
N PRO F 8 -0.05 -12.71 -23.38
CA PRO F 8 -1.32 -12.94 -24.10
C PRO F 8 -1.74 -14.39 -24.18
N SER F 9 -0.83 -15.31 -24.48
CA SER F 9 -1.18 -16.70 -24.74
C SER F 9 -0.33 -17.63 -23.90
N VAL F 10 -0.93 -18.74 -23.49
CA VAL F 10 -0.21 -19.82 -22.82
C VAL F 10 -0.80 -21.14 -23.27
N SER F 11 0.05 -22.08 -23.66
CA SER F 11 -0.38 -23.35 -24.21
C SER F 11 0.56 -24.45 -23.72
N VAL F 12 -0.02 -25.55 -23.25
CA VAL F 12 0.74 -26.70 -22.77
C VAL F 12 -0.05 -27.97 -23.05
N ALA F 13 0.65 -29.10 -23.03
CA ALA F 13 0.00 -30.39 -23.29
C ALA F 13 -0.70 -30.90 -22.03
N PRO F 14 -1.66 -31.82 -22.20
CA PRO F 14 -2.44 -32.28 -21.04
C PRO F 14 -1.61 -33.11 -20.08
N GLY F 15 -1.83 -32.89 -18.79
CA GLY F 15 -1.11 -33.60 -17.76
C GLY F 15 0.24 -33.05 -17.40
N THR F 16 0.63 -31.93 -18.00
CA THR F 16 1.90 -31.26 -17.73
C THR F 16 1.64 -29.97 -16.97
N THR F 17 2.67 -29.49 -16.28
CA THR F 17 2.54 -28.32 -15.42
C THR F 17 2.62 -27.04 -16.24
N ALA F 18 1.66 -26.16 -16.03
CA ALA F 18 1.63 -24.86 -16.69
C ALA F 18 1.98 -23.76 -15.70
N THR F 19 2.50 -22.66 -16.21
CA THR F 19 2.76 -21.49 -15.39
C THR F 19 2.23 -20.26 -16.08
N ILE F 20 1.78 -19.30 -15.27
CA ILE F 20 1.28 -18.03 -15.76
C ILE F 20 1.95 -16.93 -14.97
N THR F 21 2.48 -15.94 -15.68
CA THR F 21 3.29 -14.90 -15.10
C THR F 21 2.49 -13.60 -15.01
N CYS F 22 2.86 -12.77 -14.03
CA CYS F 22 2.23 -11.47 -13.82
C CYS F 22 3.34 -10.53 -13.37
N GLY F 23 3.75 -9.63 -14.26
CA GLY F 23 4.89 -8.79 -14.02
C GLY F 23 4.51 -7.43 -13.48
N GLY F 24 5.04 -7.11 -12.31
CA GLY F 24 4.79 -5.82 -11.70
C GLY F 24 6.08 -5.23 -11.13
N VAL F 25 6.10 -3.91 -11.04
CA VAL F 25 7.23 -3.18 -10.48
C VAL F 25 7.14 -3.28 -8.97
N ASP F 26 8.08 -4.00 -8.34
CA ASP F 26 8.04 -4.24 -6.91
C ASP F 26 6.75 -4.94 -6.51
N ILE F 27 6.33 -5.91 -7.32
CA ILE F 27 5.08 -6.61 -7.07
C ILE F 27 5.20 -7.54 -5.86
N GLY F 28 6.41 -7.97 -5.50
CA GLY F 28 6.56 -8.81 -4.33
C GLY F 28 6.13 -8.13 -3.03
N SER F 29 6.03 -6.80 -3.04
CA SER F 29 5.66 -6.04 -1.86
C SER F 29 4.14 -5.88 -1.71
N THR F 30 3.38 -6.84 -2.20
CA THR F 30 1.92 -6.79 -2.13
C THR F 30 1.39 -8.20 -2.29
N LEU F 31 0.07 -8.35 -2.18
CA LEU F 31 -0.59 -9.63 -2.32
C LEU F 31 -1.33 -9.68 -3.66
N VAL F 32 -1.09 -10.75 -4.41
CA VAL F 32 -1.70 -10.94 -5.72
C VAL F 32 -2.74 -12.04 -5.63
N HIS F 33 -3.83 -11.87 -6.36
CA HIS F 33 -4.90 -12.86 -6.46
C HIS F 33 -5.03 -13.26 -7.93
N TRP F 34 -5.57 -14.46 -8.14
CA TRP F 34 -5.72 -15.03 -9.47
C TRP F 34 -7.15 -15.49 -9.67
N TYR F 35 -7.75 -15.10 -10.80
CA TYR F 35 -9.13 -15.42 -11.14
C TYR F 35 -9.21 -16.19 -12.46
N GLN F 36 -10.15 -17.14 -12.50
CA GLN F 36 -10.44 -17.97 -13.67
C GLN F 36 -11.75 -17.51 -14.29
N GLN F 37 -11.79 -17.43 -15.62
CA GLN F 37 -13.01 -17.11 -16.34
C GLN F 37 -13.13 -18.05 -17.53
N ARG F 38 -14.18 -18.84 -17.56
CA ARG F 38 -14.51 -19.62 -18.74
C ARG F 38 -15.31 -18.76 -19.71
N PRO F 39 -15.14 -19.00 -21.01
CA PRO F 39 -15.85 -18.16 -22.00
C PRO F 39 -17.35 -18.20 -21.74
N GLY F 40 -17.94 -17.02 -21.58
CA GLY F 40 -19.37 -16.90 -21.39
C GLY F 40 -19.86 -17.08 -19.97
N GLN F 41 -18.97 -17.03 -18.99
CA GLN F 41 -19.35 -17.29 -17.61
C GLN F 41 -18.66 -16.29 -16.69
N ALA F 42 -19.22 -16.15 -15.49
CA ALA F 42 -18.65 -15.23 -14.52
C ALA F 42 -17.28 -15.72 -14.05
N PRO F 43 -16.42 -14.81 -13.60
CA PRO F 43 -15.11 -15.23 -13.07
C PRO F 43 -15.25 -16.06 -11.80
N LEU F 44 -14.15 -16.71 -11.46
CA LEU F 44 -14.10 -17.58 -10.30
C LEU F 44 -12.77 -17.36 -9.59
N LEU F 45 -12.84 -17.06 -8.30
CA LEU F 45 -11.62 -16.93 -7.51
C LEU F 45 -10.98 -18.30 -7.35
N VAL F 46 -9.81 -18.48 -7.97
CA VAL F 46 -9.05 -19.70 -7.79
C VAL F 46 -7.87 -19.55 -6.85
N ILE F 47 -7.29 -18.36 -6.71
CA ILE F 47 -6.22 -18.20 -5.74
C ILE F 47 -6.28 -16.81 -5.12
N TYR F 48 -6.03 -16.75 -3.82
CA TYR F 48 -5.95 -15.48 -3.10
C TYR F 48 -4.77 -15.52 -2.14
N ASP F 49 -4.36 -14.33 -1.69
CA ASP F 49 -3.19 -14.16 -0.85
C ASP F 49 -1.99 -14.90 -1.40
N ASP F 50 -1.91 -14.99 -2.73
CA ASP F 50 -0.76 -15.53 -3.44
C ASP F 50 -0.68 -17.05 -3.45
N SER F 51 -0.98 -17.70 -2.33
CA SER F 51 -0.90 -19.15 -2.26
C SER F 51 -2.20 -19.82 -1.81
N ASP F 52 -3.08 -19.12 -1.10
CA ASP F 52 -4.25 -19.76 -0.52
C ASP F 52 -5.27 -20.14 -1.59
N ARG F 53 -6.06 -21.17 -1.30
CA ARG F 53 -7.03 -21.72 -2.25
C ARG F 53 -8.42 -21.69 -1.63
N PRO F 54 -9.42 -21.07 -2.26
CA PRO F 54 -10.79 -21.21 -1.78
C PRO F 54 -11.18 -22.69 -1.75
N SER F 55 -12.30 -22.97 -1.09
CA SER F 55 -12.81 -24.34 -1.06
C SER F 55 -13.22 -24.77 -2.47
N GLY F 56 -13.16 -26.08 -2.71
CA GLY F 56 -13.52 -26.62 -4.00
C GLY F 56 -12.45 -26.50 -5.06
N ILE F 57 -11.33 -25.86 -4.77
CA ILE F 57 -10.19 -25.75 -5.68
C ILE F 57 -9.19 -26.84 -5.33
N PRO F 58 -8.80 -27.71 -6.26
CA PRO F 58 -7.91 -28.83 -5.92
C PRO F 58 -6.47 -28.36 -5.69
N GLU F 59 -5.68 -29.24 -5.08
CA GLU F 59 -4.29 -28.93 -4.81
C GLU F 59 -3.49 -28.65 -6.09
N ARG F 60 -4.07 -28.93 -7.27
CA ARG F 60 -3.35 -28.72 -8.52
C ARG F 60 -2.94 -27.27 -8.72
N PHE F 61 -3.59 -26.33 -8.05
CA PHE F 61 -3.32 -24.90 -8.22
C PHE F 61 -2.34 -24.43 -7.14
N SER F 62 -1.20 -23.89 -7.55
CA SER F 62 -0.23 -23.32 -6.64
C SER F 62 0.03 -21.88 -7.04
N GLY F 63 0.44 -21.06 -6.07
CA GLY F 63 0.77 -19.67 -6.34
C GLY F 63 2.05 -19.28 -5.65
N SER F 64 2.72 -18.28 -6.22
CA SER F 64 3.94 -17.76 -5.62
C SER F 64 4.12 -16.31 -6.05
N ASN F 65 4.90 -15.57 -5.26
CA ASN F 65 5.18 -14.17 -5.56
C ASN F 65 6.60 -13.83 -5.15
N SER F 66 7.31 -13.11 -6.04
CA SER F 66 8.67 -12.68 -5.78
C SER F 66 8.77 -11.18 -6.00
N GLY F 67 9.98 -10.63 -6.01
CA GLY F 67 10.15 -9.19 -6.05
C GLY F 67 9.38 -8.53 -7.16
N ASN F 68 9.59 -8.97 -8.40
CA ASN F 68 9.00 -8.32 -9.55
C ASN F 68 8.32 -9.30 -10.49
N MET F 69 7.80 -10.41 -9.95
CA MET F 69 7.16 -11.42 -10.78
C MET F 69 6.29 -12.30 -9.89
N ALA F 70 5.02 -12.41 -10.22
CA ALA F 70 4.11 -13.35 -9.57
C ALA F 70 3.83 -14.50 -10.53
N THR F 71 3.65 -15.69 -9.98
CA THR F 71 3.46 -16.88 -10.79
C THR F 71 2.28 -17.69 -10.26
N LEU F 72 1.54 -18.28 -11.19
CA LEU F 72 0.47 -19.22 -10.90
C LEU F 72 0.77 -20.52 -11.62
N THR F 73 0.92 -21.61 -10.86
CA THR F 73 1.31 -22.89 -11.39
C THR F 73 0.14 -23.88 -11.36
N ILE F 74 0.00 -24.65 -12.43
CA ILE F 74 -1.07 -25.63 -12.58
C ILE F 74 -0.42 -26.99 -12.72
N SER F 75 -0.76 -27.92 -11.84
CA SER F 75 -0.24 -29.27 -11.90
C SER F 75 -1.31 -30.22 -12.41
N ARG F 76 -0.88 -31.34 -12.97
CA ARG F 76 -1.81 -32.34 -13.47
C ARG F 76 -2.85 -31.68 -14.38
N VAL F 77 -2.37 -30.96 -15.39
CA VAL F 77 -3.26 -30.14 -16.19
C VAL F 77 -4.31 -31.01 -16.85
N GLU F 78 -5.56 -30.54 -16.79
CA GLU F 78 -6.71 -31.21 -17.37
C GLU F 78 -7.32 -30.32 -18.44
N ALA F 79 -7.98 -30.94 -19.41
CA ALA F 79 -8.64 -30.17 -20.46
C ALA F 79 -9.71 -29.24 -19.89
N GLY F 80 -10.16 -29.49 -18.67
CA GLY F 80 -11.17 -28.66 -18.04
C GLY F 80 -10.67 -27.36 -17.49
N ASP F 81 -9.37 -27.13 -17.52
CA ASP F 81 -8.77 -25.92 -16.96
C ASP F 81 -8.45 -24.88 -18.03
N GLU F 82 -8.81 -25.14 -19.30
CA GLU F 82 -8.63 -24.17 -20.36
C GLU F 82 -9.55 -22.97 -20.12
N ALA F 83 -8.97 -21.77 -20.16
CA ALA F 83 -9.76 -20.58 -19.84
C ALA F 83 -8.88 -19.33 -19.75
N ASP F 84 -9.50 -18.18 -19.47
CA ASP F 84 -8.76 -16.93 -19.31
C ASP F 84 -8.45 -16.73 -17.84
N TYR F 85 -7.19 -16.43 -17.53
CA TYR F 85 -6.74 -16.23 -16.16
C TYR F 85 -6.22 -14.81 -16.02
N TYR F 86 -6.66 -14.14 -14.95
CA TYR F 86 -6.22 -12.78 -14.67
C TYR F 86 -5.55 -12.71 -13.30
N CYS F 87 -4.57 -11.82 -13.19
CA CYS F 87 -4.00 -11.46 -11.90
C CYS F 87 -4.54 -10.11 -11.48
N GLN F 88 -4.66 -9.92 -10.17
CA GLN F 88 -5.21 -8.68 -9.62
C GLN F 88 -4.51 -8.36 -8.32
N VAL F 89 -4.38 -7.05 -8.05
CA VAL F 89 -3.75 -6.56 -6.84
C VAL F 89 -4.62 -5.44 -6.29
N TRP F 90 -4.21 -4.79 -5.24
CA TRP F 90 -4.86 -3.57 -4.72
C TRP F 90 -3.70 -2.63 -4.46
N HIS F 91 -3.43 -1.66 -5.32
CA HIS F 91 -2.27 -0.76 -5.22
C HIS F 91 -2.49 0.26 -4.10
N SER F 92 -1.43 0.83 -3.56
CA SER F 92 -1.52 1.84 -2.51
C SER F 92 -2.35 3.01 -3.02
N THR F 93 -2.14 3.47 -4.24
CA THR F 93 -2.80 4.65 -4.82
C THR F 93 -3.88 4.33 -5.85
N SER F 94 -3.62 3.39 -6.75
CA SER F 94 -4.43 3.06 -7.96
C SER F 94 -5.64 2.15 -7.68
N ALA F 95 -5.89 1.80 -6.41
CA ALA F 95 -7.01 0.92 -5.96
C ALA F 95 -6.83 -0.46 -6.60
N VAL F 96 -7.81 -0.97 -7.35
CA VAL F 96 -7.74 -2.31 -7.98
C VAL F 96 -7.21 -2.23 -9.40
N ILE F 97 -6.31 -3.13 -9.72
CA ILE F 97 -5.67 -3.31 -11.02
C ILE F 97 -5.78 -4.77 -11.38
N PHE F 98 -6.13 -5.03 -12.64
CA PHE F 98 -6.18 -6.38 -13.15
C PHE F 98 -5.08 -6.58 -14.19
N GLY F 99 -4.60 -7.81 -14.28
CA GLY F 99 -3.71 -8.17 -15.37
C GLY F 99 -4.41 -8.15 -16.71
N GLY F 100 -3.63 -7.90 -17.75
CA GLY F 100 -4.21 -7.86 -19.07
C GLY F 100 -4.99 -9.11 -19.42
N GLY F 101 -4.70 -10.22 -18.75
CA GLY F 101 -5.35 -11.47 -19.03
C GLY F 101 -4.48 -12.37 -19.87
N THR F 102 -4.48 -13.65 -19.52
CA THR F 102 -3.68 -14.65 -20.21
C THR F 102 -4.60 -15.82 -20.55
N LYS F 103 -4.68 -16.15 -21.84
CA LYS F 103 -5.47 -17.29 -22.28
C LYS F 103 -4.64 -18.56 -22.16
N LEU F 104 -5.16 -19.54 -21.44
CA LEU F 104 -4.52 -20.84 -21.29
C LEU F 104 -5.30 -21.87 -22.09
N THR F 105 -4.59 -22.63 -22.94
CA THR F 105 -5.18 -23.66 -23.76
C THR F 105 -4.48 -24.99 -23.54
N VAL F 106 -5.26 -26.05 -23.39
CA VAL F 106 -4.74 -27.42 -23.30
C VAL F 106 -4.75 -28.01 -24.70
N LEU F 107 -3.57 -28.44 -25.16
CA LEU F 107 -3.41 -28.77 -26.57
C LEU F 107 -4.19 -30.02 -26.95
N SER F 108 -4.95 -29.92 -28.03
CA SER F 108 -5.61 -31.05 -28.67
C SER F 108 -5.02 -31.39 -30.03
N GLN F 109 -4.15 -30.53 -30.57
CA GLN F 109 -3.51 -30.77 -31.86
C GLN F 109 -2.19 -30.03 -31.84
N PRO F 110 -1.35 -30.26 -32.86
CA PRO F 110 -0.08 -29.53 -32.91
C PRO F 110 -0.30 -28.04 -33.16
N LYS F 111 0.59 -27.23 -32.59
CA LYS F 111 0.56 -25.80 -32.85
C LYS F 111 0.66 -25.55 -34.34
N ALA F 112 0.13 -24.41 -34.78
CA ALA F 112 0.13 -24.05 -36.18
C ALA F 112 0.18 -22.53 -36.28
N ALA F 113 0.96 -22.04 -37.23
CA ALA F 113 1.10 -20.61 -37.44
C ALA F 113 -0.09 -20.06 -38.21
N PRO F 114 -0.30 -18.74 -38.17
CA PRO F 114 -1.48 -18.17 -38.84
C PRO F 114 -1.24 -17.83 -40.31
N SER F 115 -2.27 -18.06 -41.10
CA SER F 115 -2.31 -17.62 -42.49
C SER F 115 -2.78 -16.17 -42.51
N VAL F 116 -1.86 -15.25 -42.80
CA VAL F 116 -2.11 -13.82 -42.70
C VAL F 116 -2.16 -13.24 -44.11
N THR F 117 -3.23 -12.52 -44.40
CA THR F 117 -3.42 -11.86 -45.69
C THR F 117 -3.78 -10.40 -45.44
N LEU F 118 -3.10 -9.49 -46.11
CA LEU F 118 -3.38 -8.07 -46.02
C LEU F 118 -3.90 -7.57 -47.36
N PHE F 119 -4.93 -6.73 -47.31
CA PHE F 119 -5.64 -6.27 -48.50
C PHE F 119 -5.75 -4.76 -48.44
N PRO F 120 -5.27 -4.03 -49.44
CA PRO F 120 -5.47 -2.58 -49.48
C PRO F 120 -6.91 -2.24 -49.80
N PRO F 121 -7.27 -0.97 -49.78
CA PRO F 121 -8.63 -0.58 -50.17
C PRO F 121 -8.84 -0.70 -51.68
N SER F 122 -10.08 -0.97 -52.04
CA SER F 122 -10.42 -1.11 -53.44
C SER F 122 -10.45 0.25 -54.11
N SER F 123 -10.48 0.23 -55.45
CA SER F 123 -10.74 1.45 -56.20
C SER F 123 -12.17 1.92 -55.97
N GLU F 124 -13.15 1.04 -56.20
CA GLU F 124 -14.53 1.43 -56.03
C GLU F 124 -14.81 1.99 -54.64
N GLU F 125 -13.99 1.66 -53.65
CA GLU F 125 -14.21 2.19 -52.31
C GLU F 125 -13.62 3.57 -52.15
N LEU F 126 -12.57 3.91 -52.88
CA LEU F 126 -11.98 5.24 -52.76
C LEU F 126 -12.82 6.28 -53.49
N GLN F 127 -13.50 5.90 -54.58
CA GLN F 127 -14.43 6.81 -55.23
C GLN F 127 -15.63 7.12 -54.34
N ALA F 128 -15.80 6.39 -53.23
CA ALA F 128 -16.80 6.68 -52.23
C ALA F 128 -16.22 7.41 -51.02
N ASN F 129 -15.03 8.00 -51.17
CA ASN F 129 -14.38 8.77 -50.12
C ASN F 129 -14.34 8.02 -48.80
N LYS F 130 -13.73 6.85 -48.85
CA LYS F 130 -13.53 6.00 -47.69
C LYS F 130 -12.49 4.96 -48.06
N ALA F 131 -11.79 4.45 -47.05
CA ALA F 131 -10.75 3.46 -47.30
C ALA F 131 -10.61 2.53 -46.11
N THR F 132 -10.38 1.25 -46.39
CA THR F 132 -10.25 0.24 -45.35
C THR F 132 -9.15 -0.75 -45.69
N LEU F 133 -8.22 -0.93 -44.77
CA LEU F 133 -7.25 -2.02 -44.85
C LEU F 133 -7.80 -3.23 -44.12
N VAL F 134 -7.53 -4.42 -44.67
CA VAL F 134 -8.09 -5.65 -44.12
C VAL F 134 -6.97 -6.65 -43.85
N CYS F 135 -6.84 -7.08 -42.59
CA CYS F 135 -5.82 -8.04 -42.18
C CYS F 135 -6.56 -9.28 -41.69
N LEU F 136 -6.46 -10.37 -42.43
CA LEU F 136 -7.25 -11.57 -42.17
C LEU F 136 -6.32 -12.71 -41.77
N ILE F 137 -6.64 -13.36 -40.66
CA ILE F 137 -5.82 -14.40 -40.04
C ILE F 137 -6.66 -15.66 -39.94
N SER F 138 -6.24 -16.72 -40.62
CA SER F 138 -6.99 -17.97 -40.53
C SER F 138 -6.07 -19.11 -40.16
N ASP F 139 -6.68 -20.18 -39.65
CA ASP F 139 -5.98 -21.43 -39.37
C ASP F 139 -4.73 -21.18 -38.52
N PHE F 140 -4.98 -20.81 -37.27
CA PHE F 140 -3.92 -20.73 -36.28
C PHE F 140 -4.36 -21.44 -35.00
N TYR F 141 -3.38 -21.97 -34.28
CA TYR F 141 -3.62 -22.72 -33.06
C TYR F 141 -2.34 -22.73 -32.23
N PRO F 142 -2.38 -22.35 -30.96
CA PRO F 142 -3.53 -21.93 -30.12
C PRO F 142 -4.28 -20.70 -30.63
N GLY F 143 -5.45 -20.44 -30.04
CA GLY F 143 -6.31 -19.38 -30.52
C GLY F 143 -6.18 -18.07 -29.78
N ALA F 144 -4.99 -17.46 -29.85
CA ALA F 144 -4.75 -16.18 -29.18
C ALA F 144 -3.68 -15.46 -29.99
N VAL F 145 -4.03 -14.30 -30.56
CA VAL F 145 -3.12 -13.53 -31.38
C VAL F 145 -3.36 -12.04 -31.14
N THR F 146 -2.26 -11.30 -30.97
CA THR F 146 -2.32 -9.85 -30.90
C THR F 146 -2.16 -9.28 -32.31
N VAL F 147 -2.53 -8.01 -32.46
CA VAL F 147 -2.35 -7.32 -33.72
C VAL F 147 -1.95 -5.87 -33.46
N ALA F 148 -1.18 -5.33 -34.39
CA ALA F 148 -0.82 -3.92 -34.36
C ALA F 148 -0.76 -3.41 -35.80
N TRP F 149 -0.90 -2.11 -35.93
CA TRP F 149 -0.82 -1.46 -37.24
C TRP F 149 0.25 -0.38 -37.21
N LYS F 150 0.92 -0.21 -38.34
CA LYS F 150 1.96 0.78 -38.49
C LYS F 150 1.70 1.56 -39.77
N ALA F 151 1.59 2.88 -39.65
CA ALA F 151 1.59 3.78 -40.79
C ALA F 151 3.01 4.29 -40.93
N ASP F 152 3.70 3.86 -41.98
CA ASP F 152 5.08 4.25 -42.23
C ASP F 152 5.95 4.02 -41.00
N SER F 153 5.80 2.84 -40.41
CA SER F 153 6.57 2.40 -39.25
C SER F 153 6.26 3.15 -37.98
N SER F 154 5.14 3.89 -37.94
CA SER F 154 4.69 4.50 -36.70
C SER F 154 3.41 3.81 -36.25
N PRO F 155 3.34 3.30 -35.02
CA PRO F 155 2.13 2.56 -34.61
C PRO F 155 0.89 3.43 -34.73
N VAL F 156 -0.25 2.77 -34.83
CA VAL F 156 -1.53 3.47 -34.95
C VAL F 156 -2.60 2.62 -34.29
N LYS F 157 -3.39 3.26 -33.43
CA LYS F 157 -4.40 2.56 -32.65
C LYS F 157 -5.82 3.00 -32.96
N ALA F 158 -6.01 4.20 -33.48
CA ALA F 158 -7.33 4.67 -33.86
C ALA F 158 -7.76 4.09 -35.20
N GLY F 159 -9.06 3.87 -35.33
CA GLY F 159 -9.61 3.33 -36.55
C GLY F 159 -9.45 1.83 -36.70
N VAL F 160 -8.92 1.15 -35.69
CA VAL F 160 -8.67 -0.30 -35.74
C VAL F 160 -9.80 -1.03 -35.04
N GLU F 161 -10.33 -2.06 -35.69
CA GLU F 161 -11.40 -2.89 -35.15
C GLU F 161 -11.01 -4.35 -35.36
N THR F 162 -10.84 -5.08 -34.26
CA THR F 162 -10.31 -6.44 -34.32
C THR F 162 -11.29 -7.46 -33.78
N THR F 163 -11.35 -8.61 -34.46
CA THR F 163 -12.29 -9.66 -34.14
C THR F 163 -11.78 -10.51 -32.97
N THR F 164 -12.67 -10.82 -32.05
CA THR F 164 -12.40 -11.89 -31.10
C THR F 164 -12.22 -13.20 -31.88
N PRO F 165 -11.14 -13.94 -31.67
CA PRO F 165 -10.96 -15.21 -32.40
C PRO F 165 -12.18 -16.12 -32.21
N SER F 166 -12.54 -16.82 -33.28
CA SER F 166 -13.66 -17.75 -33.28
C SER F 166 -13.18 -19.14 -33.67
N LYS F 167 -13.96 -20.14 -33.30
CA LYS F 167 -13.61 -21.54 -33.56
C LYS F 167 -13.98 -21.89 -34.99
N GLN F 168 -12.98 -21.91 -35.87
CA GLN F 168 -13.21 -22.33 -37.25
C GLN F 168 -13.71 -23.77 -37.27
N SER F 169 -14.38 -24.13 -38.37
CA SER F 169 -14.93 -25.47 -38.48
C SER F 169 -13.85 -26.53 -38.26
N ASN F 170 -12.62 -26.25 -38.71
CA ASN F 170 -11.50 -27.17 -38.58
C ASN F 170 -11.02 -27.36 -37.14
N ASN F 171 -11.76 -26.93 -36.12
CA ASN F 171 -11.27 -26.84 -34.76
C ASN F 171 -10.03 -25.95 -34.65
N LYS F 172 -9.82 -25.10 -35.64
CA LYS F 172 -8.77 -24.08 -35.64
C LYS F 172 -9.44 -22.72 -35.57
N TYR F 173 -8.64 -21.67 -35.48
CA TYR F 173 -9.16 -20.34 -35.22
C TYR F 173 -9.00 -19.40 -36.40
N ALA F 174 -9.91 -18.43 -36.46
CA ALA F 174 -9.87 -17.37 -37.45
C ALA F 174 -10.13 -16.04 -36.76
N ALA F 175 -9.69 -14.97 -37.39
CA ALA F 175 -9.87 -13.62 -36.85
C ALA F 175 -9.50 -12.61 -37.92
N SER F 176 -9.84 -11.36 -37.66
CA SER F 176 -9.68 -10.32 -38.66
C SER F 176 -9.53 -8.98 -37.97
N SER F 177 -8.90 -8.04 -38.67
CA SER F 177 -8.75 -6.69 -38.17
C SER F 177 -8.84 -5.70 -39.32
N TYR F 178 -9.73 -4.74 -39.19
CA TYR F 178 -9.91 -3.68 -40.18
C TYR F 178 -9.30 -2.39 -39.64
N LEU F 179 -8.80 -1.57 -40.56
CA LEU F 179 -8.35 -0.21 -40.25
C LEU F 179 -9.04 0.75 -41.20
N SER F 180 -9.68 1.79 -40.65
CA SER F 180 -10.44 2.74 -41.44
C SER F 180 -9.67 4.04 -41.59
N LEU F 181 -9.56 4.52 -42.83
CA LEU F 181 -8.80 5.70 -43.18
C LEU F 181 -9.58 6.53 -44.20
N THR F 182 -9.22 7.87 -44.29
CA THR F 182 -9.73 8.66 -45.40
C THR F 182 -8.83 8.48 -46.62
N PRO F 183 -9.36 8.59 -47.83
CA PRO F 183 -8.50 8.42 -49.02
C PRO F 183 -7.19 9.18 -48.92
N GLU F 184 -7.20 10.35 -48.26
CA GLU F 184 -6.02 11.19 -48.19
C GLU F 184 -4.96 10.58 -47.27
N GLN F 185 -5.37 10.10 -46.10
CA GLN F 185 -4.43 9.42 -45.22
C GLN F 185 -3.77 8.24 -45.92
N TRP F 186 -4.54 7.48 -46.69
CA TRP F 186 -3.99 6.36 -47.45
C TRP F 186 -3.00 6.84 -48.48
N LYS F 187 -3.34 7.90 -49.23
CA LYS F 187 -2.46 8.40 -50.27
C LYS F 187 -1.28 9.19 -49.74
N SER F 188 -1.22 9.45 -48.43
CA SER F 188 -0.17 10.26 -47.85
C SER F 188 0.74 9.45 -46.93
N HIS F 189 0.94 8.18 -47.26
CA HIS F 189 1.86 7.32 -46.54
C HIS F 189 2.54 6.37 -47.52
N ARG F 190 3.81 6.05 -47.26
CA ARG F 190 4.54 5.16 -48.15
C ARG F 190 3.99 3.74 -48.07
N SER F 191 3.61 3.30 -46.87
CA SER F 191 3.19 1.92 -46.69
C SER F 191 2.34 1.82 -45.43
N TYR F 192 1.68 0.68 -45.30
CA TYR F 192 0.92 0.34 -44.09
C TYR F 192 1.18 -1.12 -43.76
N SER F 193 1.49 -1.38 -42.49
CA SER F 193 2.01 -2.66 -42.04
C SER F 193 1.10 -3.24 -40.96
N CYS F 194 0.71 -4.50 -41.14
CA CYS F 194 -0.12 -5.23 -40.19
C CYS F 194 0.72 -6.30 -39.53
N GLN F 195 0.84 -6.23 -38.20
CA GLN F 195 1.68 -7.13 -37.42
C GLN F 195 0.80 -8.05 -36.59
N VAL F 196 0.87 -9.34 -36.88
CA VAL F 196 0.06 -10.36 -36.22
C VAL F 196 0.97 -11.22 -35.36
N THR F 197 0.84 -11.12 -34.05
CA THR F 197 1.66 -11.89 -33.14
C THR F 197 0.90 -13.12 -32.63
N HIS F 198 1.61 -14.25 -32.60
CA HIS F 198 1.02 -15.54 -32.24
C HIS F 198 2.14 -16.37 -31.61
N GLU F 199 1.99 -16.72 -30.33
CA GLU F 199 2.93 -17.57 -29.65
C GLU F 199 4.37 -17.07 -29.82
N GLY F 200 4.56 -15.81 -29.44
CA GLY F 200 5.89 -15.21 -29.53
C GLY F 200 6.49 -15.28 -30.91
N SER F 201 5.65 -15.10 -31.94
CA SER F 201 6.14 -15.02 -33.30
C SER F 201 5.26 -14.02 -34.04
N THR F 202 5.85 -12.96 -34.55
CA THR F 202 5.08 -11.94 -35.25
C THR F 202 5.27 -12.09 -36.75
N VAL F 203 4.19 -11.89 -37.50
CA VAL F 203 4.22 -11.79 -38.95
C VAL F 203 3.88 -10.35 -39.31
N GLU F 204 4.73 -9.71 -40.09
CA GLU F 204 4.53 -8.32 -40.52
C GLU F 204 4.27 -8.33 -42.01
N LYS F 205 3.08 -7.92 -42.41
CA LYS F 205 2.76 -7.81 -43.84
C LYS F 205 2.43 -6.37 -44.18
N THR F 206 2.95 -5.89 -45.31
CA THR F 206 2.87 -4.48 -45.63
C THR F 206 2.20 -4.28 -46.98
N VAL F 207 1.72 -3.06 -47.20
CA VAL F 207 1.13 -2.66 -48.47
C VAL F 207 1.46 -1.20 -48.73
N ALA F 208 1.07 -0.67 -49.87
CA ALA F 208 1.38 0.70 -50.22
C ALA F 208 0.30 1.24 -51.14
N PRO F 209 0.04 2.54 -51.11
CA PRO F 209 -0.92 3.12 -52.06
C PRO F 209 -0.56 2.84 -53.51
N THR F 210 0.73 2.82 -53.83
CA THR F 210 1.21 2.48 -55.16
C THR F 210 1.07 0.97 -55.33
N GLU F 211 -0.14 0.56 -55.70
CA GLU F 211 -0.55 -0.85 -55.69
C GLU F 211 -0.63 -1.37 -57.12
N CYS F 212 -0.06 -2.55 -57.35
CA CYS F 212 -0.08 -3.17 -58.68
C CYS F 212 0.51 -4.57 -58.65
#